data_5TVC
#
_entry.id   5TVC
#
_cell.length_a   69.854
_cell.length_b   78.040
_cell.length_c   120.569
_cell.angle_alpha   90.000
_cell.angle_beta   95.030
_cell.angle_gamma   90.000
#
_symmetry.space_group_name_H-M   'P 1 21 1'
#
loop_
_entity.id
_entity.type
_entity.pdbx_description
1 polymer 'Soluble acetylcholine receptor,Neuronal acetylcholine receptor subunit alpha-3 chimera'
2 non-polymer 'SULFATE ION'
3 non-polymer 'PENTAETHYLENE GLYCOL'
4 non-polymer (E,2S)-N-methyl-5-(5-phenoxy-3-pyridyl)pent-4-en-2-amine
5 water water
#
_entity_poly.entity_id   1
_entity_poly.type   'polypeptide(L)'
_entity_poly.pdbx_seq_one_letter_code
;DYKDDDDKLHSQANLMRLKSDLFNRSPMYPGPTKDDPLTVTLGFTLQDIVKADSSTNEVDLVYWEQQRWKLNSLMWDPNE
YGNITDFRTSAADIWTPDITAYSSTRPVQVLSPQIAVVTHDGSVMFIPAQRLSFMCDPTGVDSEEGATCAVKFGSWVYSG
FEIDLKTDTDQVDLSSYYASSKYEILSATQYKHDIKYNCCEEIYPDVVLVVKFRERRAGNGFFRNLFDSR
;
_entity_poly.pdbx_strand_id   A,B,C,D,E
#
# COMPACT_ATOMS: atom_id res chain seq x y z
N ASP A 7 -12.52 13.57 37.91
CA ASP A 7 -12.26 12.11 38.16
C ASP A 7 -11.81 11.43 36.86
N LYS A 8 -12.60 11.61 35.80
CA LYS A 8 -12.15 11.25 34.46
C LYS A 8 -10.92 12.07 34.06
N LEU A 9 -10.93 13.37 34.40
CA LEU A 9 -9.82 14.22 34.00
C LEU A 9 -8.53 13.84 34.72
N HIS A 10 -8.60 13.49 36.00
CA HIS A 10 -7.40 13.06 36.71
C HIS A 10 -6.86 11.74 36.15
N SER A 11 -7.75 10.82 35.80
CA SER A 11 -7.32 9.58 35.16
C SER A 11 -6.62 9.87 33.83
N GLN A 12 -7.16 10.79 33.04
CA GLN A 12 -6.55 11.12 31.76
C GLN A 12 -5.19 11.75 31.95
N ALA A 13 -5.07 12.67 32.91
CA ALA A 13 -3.77 13.24 33.27
C ALA A 13 -2.79 12.16 33.71
N ASN A 14 -3.23 11.26 34.59
CA ASN A 14 -2.33 10.22 35.09
C ASN A 14 -1.84 9.32 33.97
N LEU A 15 -2.69 9.05 32.97
CA LEU A 15 -2.27 8.20 31.87
C LEU A 15 -1.25 8.93 30.99
N MET A 16 -1.52 10.20 30.67
CA MET A 16 -0.57 10.98 29.90
C MET A 16 0.79 11.02 30.59
N ARG A 17 0.79 11.10 31.93
CA ARG A 17 2.05 11.13 32.68
C ARG A 17 2.73 9.77 32.67
N LEU A 18 1.96 8.69 32.81
CA LEU A 18 2.53 7.35 32.75
C LEU A 18 3.18 7.07 31.40
N LYS A 19 2.49 7.41 30.31
CA LYS A 19 3.05 7.15 28.98
C LYS A 19 4.31 7.97 28.74
N SER A 20 4.32 9.22 29.22
CA SER A 20 5.52 10.03 29.09
C SER A 20 6.66 9.45 29.90
N ASP A 21 6.39 9.03 31.13
CA ASP A 21 7.40 8.39 31.98
C ASP A 21 7.96 7.12 31.34
N LEU A 22 7.10 6.32 30.70
CA LEU A 22 7.54 5.05 30.12
C LEU A 22 8.23 5.25 28.77
N PHE A 23 7.70 6.14 27.93
CA PHE A 23 8.14 6.27 26.53
C PHE A 23 8.93 7.55 26.30
N TYR A 29 13.30 -0.50 24.10
CA TYR A 29 13.74 -1.87 24.37
C TYR A 29 14.34 -2.39 23.07
N PRO A 30 15.58 -2.88 23.10
CA PRO A 30 16.28 -3.25 21.86
C PRO A 30 15.96 -4.65 21.36
N GLY A 31 15.04 -5.36 22.00
CA GLY A 31 14.79 -6.73 21.64
C GLY A 31 15.63 -7.66 22.50
N PRO A 32 15.33 -8.95 22.45
CA PRO A 32 16.07 -9.89 23.29
C PRO A 32 17.45 -10.25 22.74
N THR A 33 18.24 -10.84 23.62
CA THR A 33 19.55 -11.38 23.31
C THR A 33 19.74 -12.67 24.10
N LYS A 34 20.81 -13.40 23.80
CA LYS A 34 21.12 -14.60 24.60
C LYS A 34 21.27 -14.26 26.08
N ASP A 35 21.80 -13.07 26.41
CA ASP A 35 21.94 -12.64 27.80
C ASP A 35 20.67 -12.05 28.41
N ASP A 36 19.62 -11.84 27.62
CA ASP A 36 18.36 -11.27 28.12
C ASP A 36 17.24 -11.87 27.28
N PRO A 37 17.00 -13.17 27.44
CA PRO A 37 16.00 -13.83 26.59
C PRO A 37 14.59 -13.48 27.01
N LEU A 38 13.68 -13.62 26.05
CA LEU A 38 12.29 -13.23 26.21
C LEU A 38 11.39 -14.41 25.88
N THR A 39 10.41 -14.68 26.75
CA THR A 39 9.39 -15.68 26.49
C THR A 39 8.23 -15.01 25.78
N VAL A 40 7.85 -15.56 24.63
CA VAL A 40 6.69 -15.09 23.88
C VAL A 40 5.68 -16.24 23.86
N THR A 41 4.49 -15.98 24.34
CA THR A 41 3.44 -16.99 24.32
C THR A 41 2.51 -16.72 23.15
N LEU A 42 2.23 -17.77 22.39
CA LEU A 42 1.44 -17.70 21.17
C LEU A 42 0.22 -18.59 21.30
N GLY A 43 -0.88 -18.14 20.68
CA GLY A 43 -2.08 -18.95 20.59
C GLY A 43 -2.89 -18.50 19.39
N PHE A 44 -3.69 -19.43 18.85
CA PHE A 44 -4.48 -19.20 17.64
C PHE A 44 -5.95 -19.46 17.88
N THR A 45 -6.75 -18.54 17.36
CA THR A 45 -8.19 -18.66 17.24
C THR A 45 -8.50 -18.73 15.74
N LEU A 46 -8.94 -19.88 15.25
CA LEU A 46 -9.17 -20.07 13.82
C LEU A 46 -10.62 -19.67 13.51
N GLN A 47 -10.79 -18.64 12.70
CA GLN A 47 -12.12 -18.12 12.44
C GLN A 47 -12.72 -18.59 11.12
N ASP A 48 -11.92 -18.82 10.08
CA ASP A 48 -12.49 -19.27 8.83
C ASP A 48 -11.40 -19.88 7.96
N ILE A 49 -11.75 -20.96 7.29
CA ILE A 49 -11.06 -21.36 6.07
C ILE A 49 -11.87 -20.80 4.91
N VAL A 50 -11.29 -19.82 4.22
CA VAL A 50 -12.06 -19.06 3.24
C VAL A 50 -12.07 -19.77 1.90
N LYS A 51 -10.90 -20.26 1.50
CA LYS A 51 -10.64 -20.71 0.14
C LYS A 51 -9.54 -21.76 0.14
N ALA A 52 -9.75 -22.84 -0.61
CA ALA A 52 -8.73 -23.86 -0.85
C ALA A 52 -8.54 -24.00 -2.36
N ASP A 53 -7.34 -23.66 -2.87
CA ASP A 53 -7.09 -23.53 -4.31
C ASP A 53 -6.23 -24.72 -4.74
N SER A 54 -6.86 -25.70 -5.39
CA SER A 54 -6.15 -26.90 -5.86
C SER A 54 -5.38 -26.68 -7.15
N SER A 55 -5.53 -25.51 -7.81
CA SER A 55 -4.73 -25.21 -9.00
C SER A 55 -3.35 -24.67 -8.64
N THR A 56 -3.19 -24.08 -7.44
CA THR A 56 -1.89 -23.61 -6.97
C THR A 56 -1.43 -24.25 -5.65
N ASN A 57 -2.25 -25.07 -5.01
CA ASN A 57 -1.99 -25.62 -3.68
C ASN A 57 -1.65 -24.49 -2.70
N GLU A 58 -2.62 -23.59 -2.57
CA GLU A 58 -2.68 -22.53 -1.57
C GLU A 58 -4.01 -22.62 -0.84
N VAL A 59 -4.00 -22.44 0.48
CA VAL A 59 -5.21 -22.35 1.29
C VAL A 59 -5.21 -21.03 2.07
N ASP A 60 -6.37 -20.40 2.17
CA ASP A 60 -6.51 -19.08 2.80
C ASP A 60 -7.25 -19.23 4.12
N LEU A 61 -6.62 -18.76 5.20
CA LEU A 61 -7.18 -18.81 6.54
C LEU A 61 -7.37 -17.39 7.08
N VAL A 62 -8.38 -17.23 7.94
CA VAL A 62 -8.53 -16.08 8.83
C VAL A 62 -8.44 -16.56 10.27
N TYR A 63 -7.55 -15.94 11.05
CA TYR A 63 -7.32 -16.32 12.44
C TYR A 63 -6.89 -15.09 13.22
N TRP A 64 -6.98 -15.19 14.55
CA TRP A 64 -6.49 -14.19 15.48
C TRP A 64 -5.30 -14.81 16.19
N GLU A 65 -4.16 -14.14 16.11
CA GLU A 65 -2.90 -14.67 16.62
C GLU A 65 -2.58 -13.94 17.92
N GLN A 66 -2.82 -14.59 19.06
CA GLN A 66 -2.51 -13.99 20.35
C GLN A 66 -1.01 -14.07 20.61
N GLN A 67 -0.43 -12.94 21.00
CA GLN A 67 0.98 -12.85 21.36
C GLN A 67 1.05 -12.16 22.72
N ARG A 68 1.83 -12.73 23.64
CA ARG A 68 1.99 -12.16 24.97
C ARG A 68 3.45 -12.26 25.39
N TRP A 69 3.99 -11.17 25.95
CA TRP A 69 5.34 -11.16 26.50
C TRP A 69 5.33 -10.13 27.63
N LYS A 70 6.45 -10.06 28.36
CA LYS A 70 6.52 -9.20 29.55
C LYS A 70 7.90 -8.56 29.64
N LEU A 71 7.93 -7.24 29.80
CA LEU A 71 9.16 -6.47 29.88
C LEU A 71 9.23 -5.71 31.21
N ASN A 72 10.36 -5.82 31.89
CA ASN A 72 10.50 -5.05 33.14
C ASN A 72 10.44 -3.55 32.88
N SER A 73 10.80 -3.12 31.67
CA SER A 73 10.78 -1.71 31.31
C SER A 73 9.38 -1.16 31.07
N LEU A 74 8.35 -2.00 31.05
CA LEU A 74 6.98 -1.51 30.92
C LEU A 74 6.20 -1.59 32.23
N MET A 75 6.88 -1.89 33.35
CA MET A 75 6.22 -2.05 34.64
C MET A 75 6.03 -0.70 35.32
N TRP A 76 4.96 -0.60 36.09
CA TRP A 76 4.77 0.58 36.93
C TRP A 76 3.97 0.19 38.15
N ASP A 77 3.96 1.11 39.12
CA ASP A 77 3.19 0.95 40.34
C ASP A 77 1.85 1.66 40.15
N PRO A 78 0.72 0.95 40.06
CA PRO A 78 -0.57 1.64 39.87
C PRO A 78 -0.81 2.76 40.88
N ASN A 79 -0.32 2.60 42.11
CA ASN A 79 -0.47 3.60 43.16
C ASN A 79 0.21 4.92 42.85
N GLU A 80 1.21 4.93 41.98
CA GLU A 80 1.88 6.17 41.60
C GLU A 80 1.23 6.84 40.41
N TYR A 81 0.15 6.26 39.87
CA TYR A 81 -0.51 6.80 38.68
C TYR A 81 -2.04 6.62 38.76
N GLY A 82 -2.62 6.98 39.91
CA GLY A 82 -4.06 7.04 40.01
C GLY A 82 -4.76 5.71 39.86
N ASN A 83 -4.08 4.62 40.21
CA ASN A 83 -4.60 3.27 40.13
C ASN A 83 -4.76 2.77 38.68
N ILE A 84 -4.14 3.41 37.71
CA ILE A 84 -4.13 2.87 36.35
C ILE A 84 -3.42 1.51 36.38
N THR A 85 -4.10 0.47 35.92
CA THR A 85 -3.52 -0.86 35.86
C THR A 85 -3.25 -1.37 34.44
N ASP A 86 -3.82 -0.73 33.42
CA ASP A 86 -3.70 -1.18 32.03
C ASP A 86 -3.82 0.04 31.13
N PHE A 87 -3.23 -0.02 29.93
CA PHE A 87 -3.53 0.97 28.91
C PHE A 87 -3.28 0.37 27.51
N ARG A 88 -3.83 1.04 26.52
CA ARG A 88 -3.72 0.66 25.12
C ARG A 88 -2.73 1.60 24.43
N THR A 89 -1.93 1.05 23.53
CA THR A 89 -0.96 1.86 22.83
C THR A 89 -0.73 1.28 21.45
N SER A 90 -0.34 2.15 20.54
CA SER A 90 -0.03 1.72 19.19
C SER A 90 1.05 0.66 19.24
N ALA A 91 0.85 -0.42 18.49
CA ALA A 91 1.92 -1.42 18.45
C ALA A 91 3.18 -0.90 17.76
N ALA A 92 3.13 0.24 17.07
CA ALA A 92 4.37 0.91 16.65
C ALA A 92 5.08 1.60 17.80
N ASP A 93 4.37 1.93 18.88
CA ASP A 93 5.00 2.56 20.05
C ASP A 93 5.90 1.60 20.83
N ILE A 94 5.91 0.30 20.52
CA ILE A 94 6.64 -0.67 21.33
C ILE A 94 7.35 -1.69 20.46
N TRP A 95 8.32 -2.37 21.05
CA TRP A 95 8.90 -3.55 20.43
C TRP A 95 7.83 -4.62 20.31
N THR A 96 7.80 -5.33 19.18
CA THR A 96 6.95 -6.51 19.03
C THR A 96 7.76 -7.63 18.40
N PRO A 97 7.40 -8.89 18.66
CA PRO A 97 8.20 -9.99 18.17
C PRO A 97 7.94 -10.27 16.69
N ASP A 98 8.96 -10.82 16.04
CA ASP A 98 8.96 -11.01 14.59
C ASP A 98 8.41 -12.38 14.22
N ILE A 99 7.27 -12.72 14.85
CA ILE A 99 6.62 -13.99 14.59
C ILE A 99 6.05 -14.00 13.18
N THR A 100 6.33 -15.07 12.45
CA THR A 100 6.09 -15.15 11.02
C THR A 100 5.64 -16.57 10.66
N ALA A 101 4.71 -16.68 9.70
CA ALA A 101 4.47 -17.96 9.06
C ALA A 101 5.65 -18.33 8.18
N TYR A 102 6.06 -19.59 8.25
CA TYR A 102 7.24 -20.02 7.50
C TYR A 102 6.93 -20.49 6.08
N SER A 103 5.67 -20.56 5.68
CA SER A 103 5.31 -21.05 4.34
C SER A 103 4.15 -20.27 3.74
N SER A 104 4.05 -18.99 4.06
CA SER A 104 3.08 -18.15 3.40
C SER A 104 3.46 -18.00 1.93
N THR A 105 2.45 -17.69 1.13
CA THR A 105 2.66 -17.44 -0.29
C THR A 105 2.27 -16.05 -0.74
N ARG A 106 1.66 -15.25 0.13
CA ARG A 106 1.37 -13.84 -0.07
C ARG A 106 1.66 -13.13 1.24
N PRO A 107 1.93 -11.84 1.20
CA PRO A 107 2.10 -11.12 2.48
C PRO A 107 0.84 -11.24 3.30
N VAL A 108 1.00 -11.53 4.58
CA VAL A 108 -0.17 -11.64 5.43
C VAL A 108 -0.93 -10.30 5.45
N GLN A 109 -2.24 -10.36 5.43
CA GLN A 109 -3.06 -9.16 5.48
C GLN A 109 -3.60 -8.99 6.88
N VAL A 110 -3.37 -7.83 7.46
CA VAL A 110 -3.75 -7.56 8.82
C VAL A 110 -5.18 -7.01 8.81
N LEU A 111 -6.05 -7.61 9.60
CA LEU A 111 -7.46 -7.25 9.58
C LEU A 111 -7.88 -6.39 10.76
N SER A 112 -7.05 -6.25 11.77
CA SER A 112 -7.45 -5.55 12.97
C SER A 112 -6.50 -4.38 13.26
N PRO A 113 -6.94 -3.43 14.08
CA PRO A 113 -6.06 -2.30 14.48
C PRO A 113 -4.77 -2.74 15.18
N GLN A 114 -3.68 -2.06 14.85
CA GLN A 114 -2.36 -2.42 15.36
C GLN A 114 -2.12 -1.73 16.71
N ILE A 115 -2.80 -2.27 17.73
CA ILE A 115 -2.84 -1.70 19.08
C ILE A 115 -2.62 -2.85 20.08
N ALA A 116 -1.80 -2.59 21.10
CA ALA A 116 -1.55 -3.60 22.13
C ALA A 116 -2.04 -3.09 23.47
N VAL A 117 -2.24 -4.03 24.39
CA VAL A 117 -2.67 -3.73 25.74
C VAL A 117 -1.48 -3.97 26.66
N VAL A 118 -1.10 -2.95 27.43
CA VAL A 118 0.03 -3.03 28.36
C VAL A 118 -0.53 -3.03 29.78
N THR A 119 -0.02 -3.93 30.61
CA THR A 119 -0.47 -4.07 31.99
C THR A 119 0.67 -3.72 32.95
N HIS A 120 0.31 -3.28 34.17
CA HIS A 120 1.30 -2.67 35.07
C HIS A 120 2.44 -3.62 35.47
N ASP A 121 2.22 -4.94 35.39
CA ASP A 121 3.30 -5.90 35.60
C ASP A 121 4.25 -6.01 34.42
N GLY A 122 4.10 -5.14 33.43
CA GLY A 122 4.95 -5.17 32.25
C GLY A 122 4.53 -6.13 31.15
N SER A 123 3.38 -6.77 31.28
CA SER A 123 2.96 -7.72 30.27
C SER A 123 2.26 -6.99 29.11
N VAL A 124 2.46 -7.50 27.91
CA VAL A 124 1.89 -6.93 26.69
C VAL A 124 1.04 -8.02 26.04
N MET A 125 -0.15 -7.62 25.58
CA MET A 125 -1.06 -8.51 24.87
C MET A 125 -1.35 -7.87 23.51
N PHE A 126 -1.08 -8.60 22.43
CA PHE A 126 -1.25 -8.11 21.06
C PHE A 126 -1.87 -9.24 20.29
N ILE A 127 -3.05 -9.03 19.69
CA ILE A 127 -3.80 -10.11 19.04
C ILE A 127 -4.22 -9.65 17.65
N PRO A 128 -3.31 -9.64 16.69
CA PRO A 128 -3.68 -9.30 15.31
C PRO A 128 -4.57 -10.36 14.68
N ALA A 129 -5.69 -9.92 14.10
CA ALA A 129 -6.43 -10.75 13.16
C ALA A 129 -5.79 -10.68 11.78
N GLN A 130 -5.67 -11.84 11.14
CA GLN A 130 -4.89 -11.98 9.91
C GLN A 130 -5.58 -12.87 8.90
N ARG A 131 -5.45 -12.51 7.62
CA ARG A 131 -5.74 -13.41 6.49
C ARG A 131 -4.43 -13.85 5.87
N LEU A 132 -4.24 -15.16 5.80
CA LEU A 132 -3.00 -15.75 5.34
C LEU A 132 -3.26 -16.75 4.22
N SER A 133 -2.48 -16.65 3.15
CA SER A 133 -2.39 -17.66 2.12
C SER A 133 -1.14 -18.46 2.39
N PHE A 134 -1.25 -19.80 2.44
CA PHE A 134 -0.07 -20.61 2.69
C PHE A 134 -0.11 -21.91 1.90
N MET A 135 1.06 -22.54 1.83
CA MET A 135 1.26 -23.73 1.03
C MET A 135 0.49 -24.90 1.61
N CYS A 136 -0.42 -25.43 0.82
CA CYS A 136 -1.29 -26.52 1.27
C CYS A 136 -1.89 -27.22 0.06
N ASP A 137 -1.75 -28.54 0.01
CA ASP A 137 -2.36 -29.36 -1.04
C ASP A 137 -3.70 -29.83 -0.50
N PRO A 138 -4.84 -29.35 -1.02
CA PRO A 138 -6.14 -29.71 -0.44
C PRO A 138 -6.72 -31.03 -0.93
N THR A 139 -5.90 -31.90 -1.49
CA THR A 139 -6.39 -33.21 -1.95
C THR A 139 -7.08 -33.93 -0.81
N GLY A 140 -8.28 -34.44 -1.11
CA GLY A 140 -9.11 -35.11 -0.14
C GLY A 140 -10.13 -34.22 0.56
N VAL A 141 -10.09 -32.90 0.33
CA VAL A 141 -11.02 -31.99 0.97
C VAL A 141 -12.45 -32.31 0.56
N ASP A 142 -12.64 -32.91 -0.61
CA ASP A 142 -13.96 -33.33 -1.07
C ASP A 142 -14.30 -34.75 -0.67
N SER A 143 -13.67 -35.28 0.38
CA SER A 143 -13.94 -36.61 0.88
C SER A 143 -14.26 -36.53 2.36
N GLU A 144 -14.74 -37.65 2.91
CA GLU A 144 -15.13 -37.69 4.31
C GLU A 144 -13.90 -37.57 5.22
N GLU A 145 -12.77 -38.11 4.78
CA GLU A 145 -11.56 -38.06 5.59
C GLU A 145 -10.99 -36.64 5.64
N GLY A 146 -11.22 -35.86 4.60
CA GLY A 146 -10.77 -34.48 4.56
C GLY A 146 -9.32 -34.33 4.08
N ALA A 147 -8.88 -33.08 4.07
CA ALA A 147 -7.51 -32.71 3.78
C ALA A 147 -6.81 -32.33 5.07
N THR A 148 -5.47 -32.33 5.04
CA THR A 148 -4.67 -31.90 6.19
C THR A 148 -3.63 -30.92 5.69
N CYS A 149 -3.56 -29.74 6.31
CA CYS A 149 -2.51 -28.77 6.03
C CYS A 149 -1.82 -28.37 7.32
N ALA A 150 -0.63 -27.81 7.16
CA ALA A 150 0.17 -27.41 8.30
C ALA A 150 0.95 -26.16 7.92
N VAL A 151 1.09 -25.23 8.85
CA VAL A 151 1.96 -24.08 8.66
C VAL A 151 2.65 -23.74 9.98
N LYS A 152 3.96 -23.57 9.91
CA LYS A 152 4.76 -23.30 11.09
C LYS A 152 4.85 -21.80 11.33
N PHE A 153 4.79 -21.42 12.60
CA PHE A 153 4.99 -20.06 13.06
C PHE A 153 6.19 -19.98 13.98
N GLY A 154 7.01 -18.97 13.76
CA GLY A 154 8.08 -18.69 14.69
C GLY A 154 8.79 -17.39 14.38
N SER A 155 9.81 -17.11 15.16
CA SER A 155 10.63 -15.94 14.89
C SER A 155 11.37 -16.10 13.56
N TRP A 156 11.50 -15.00 12.80
CA TRP A 156 12.28 -15.06 11.57
C TRP A 156 13.80 -15.07 11.85
N VAL A 157 14.26 -14.28 12.83
CA VAL A 157 15.70 -14.07 13.06
C VAL A 157 16.19 -14.48 14.44
N TYR A 158 15.33 -14.82 15.39
CA TYR A 158 15.78 -15.16 16.73
C TYR A 158 15.71 -16.67 16.99
N SER A 159 16.75 -17.19 17.65
CA SER A 159 16.75 -18.57 18.10
C SER A 159 15.97 -18.67 19.40
N GLY A 160 15.74 -19.92 19.82
CA GLY A 160 15.09 -20.22 21.10
C GLY A 160 15.87 -19.75 22.32
N PHE A 161 17.14 -19.38 22.15
CA PHE A 161 17.91 -18.76 23.23
C PHE A 161 17.70 -17.25 23.31
N GLU A 162 17.01 -16.64 22.35
CA GLU A 162 16.62 -15.24 22.42
C GLU A 162 15.12 -15.06 22.61
N ILE A 163 14.32 -15.83 21.87
CA ILE A 163 12.87 -15.83 21.97
C ILE A 163 12.46 -17.25 22.29
N ASP A 164 12.05 -17.45 23.54
CA ASP A 164 11.55 -18.72 24.03
C ASP A 164 10.06 -18.75 23.74
N LEU A 165 9.67 -19.51 22.74
CA LEU A 165 8.30 -19.59 22.25
C LEU A 165 7.50 -20.60 23.07
N LYS A 166 6.37 -20.16 23.63
CA LYS A 166 5.48 -21.05 24.36
C LYS A 166 4.03 -20.89 23.91
N THR A 167 3.20 -21.82 24.37
CA THR A 167 1.76 -21.76 24.25
C THR A 167 1.12 -21.98 25.60
N ASP A 168 -0.17 -21.63 25.70
CA ASP A 168 -0.99 -21.98 26.85
C ASP A 168 -1.71 -23.29 26.67
N THR A 169 -1.82 -23.79 25.43
CA THR A 169 -2.62 -24.95 25.11
C THR A 169 -2.16 -25.48 23.76
N ASP A 170 -2.33 -26.79 23.56
CA ASP A 170 -2.11 -27.44 22.27
C ASP A 170 -3.34 -27.32 21.36
N GLN A 171 -4.44 -26.83 21.87
CA GLN A 171 -5.70 -26.81 21.16
C GLN A 171 -5.92 -25.42 20.53
N VAL A 172 -6.18 -25.40 19.23
CA VAL A 172 -6.60 -24.16 18.55
C VAL A 172 -8.01 -23.83 19.02
N ASP A 173 -8.24 -22.55 19.36
CA ASP A 173 -9.57 -22.11 19.78
C ASP A 173 -10.52 -22.05 18.57
N LEU A 174 -11.51 -22.95 18.57
CA LEU A 174 -12.52 -23.05 17.51
C LEU A 174 -13.87 -22.43 17.91
N SER A 175 -13.94 -21.76 19.05
CA SER A 175 -15.21 -21.25 19.55
C SER A 175 -15.77 -20.10 18.71
N SER A 176 -14.97 -19.50 17.83
CA SER A 176 -15.44 -18.45 16.91
C SER A 176 -15.36 -18.88 15.46
N TYR A 177 -15.20 -20.18 15.18
CA TYR A 177 -15.14 -20.63 13.82
C TYR A 177 -16.48 -20.38 13.15
N TYR A 178 -16.43 -19.76 11.98
CA TYR A 178 -17.62 -19.39 11.23
C TYR A 178 -18.48 -20.63 10.91
N ALA A 179 -19.69 -20.65 11.45
CA ALA A 179 -20.55 -21.84 11.37
C ALA A 179 -21.05 -22.13 9.96
N SER A 180 -20.99 -21.17 9.04
CA SER A 180 -21.43 -21.42 7.67
C SER A 180 -20.27 -21.26 6.67
N SER A 181 -19.04 -21.49 7.14
CA SER A 181 -17.91 -21.63 6.23
C SER A 181 -18.18 -22.69 5.17
N LYS A 182 -17.53 -22.53 4.03
CA LYS A 182 -17.50 -23.58 2.99
C LYS A 182 -16.76 -24.83 3.47
N TYR A 183 -15.95 -24.72 4.52
CA TYR A 183 -15.13 -25.83 5.00
C TYR A 183 -15.42 -26.07 6.47
N GLU A 184 -15.63 -27.33 6.80
CA GLU A 184 -15.83 -27.75 8.18
C GLU A 184 -14.49 -28.17 8.75
N ILE A 185 -14.23 -27.80 10.01
CA ILE A 185 -12.99 -28.16 10.71
C ILE A 185 -13.18 -29.50 11.40
N LEU A 186 -12.29 -30.44 11.12
CA LEU A 186 -12.30 -31.73 11.78
C LEU A 186 -11.36 -31.73 12.99
N SER A 187 -10.21 -31.05 12.89
CA SER A 187 -9.39 -30.80 14.07
C SER A 187 -8.43 -29.66 13.75
N ALA A 188 -7.96 -29.00 14.81
CA ALA A 188 -7.00 -27.91 14.67
C ALA A 188 -6.11 -27.90 15.90
N THR A 189 -4.82 -28.13 15.70
CA THR A 189 -3.88 -28.14 16.80
C THR A 189 -2.75 -27.14 16.58
N GLN A 190 -2.12 -26.75 17.69
CA GLN A 190 -0.98 -25.83 17.69
C GLN A 190 0.15 -26.38 18.57
N TYR A 191 0.59 -27.58 18.24
CA TYR A 191 1.71 -28.20 18.95
C TYR A 191 3.00 -27.42 18.73
N LYS A 192 3.84 -27.42 19.76
CA LYS A 192 5.14 -26.74 19.77
C LYS A 192 6.27 -27.72 19.48
N HIS A 193 7.20 -27.32 18.63
CA HIS A 193 8.27 -28.18 18.17
C HIS A 193 9.61 -27.48 18.32
N ASP A 194 10.68 -28.27 18.51
CA ASP A 194 12.03 -27.75 18.59
C ASP A 194 12.89 -28.49 17.57
N ILE A 195 13.79 -27.75 16.93
CA ILE A 195 14.71 -28.28 15.93
C ILE A 195 16.13 -27.88 16.31
N LYS A 196 17.06 -28.83 16.23
CA LYS A 196 18.46 -28.66 16.61
C LYS A 196 19.36 -28.95 15.42
N TYR A 197 20.40 -28.12 15.24
CA TYR A 197 21.47 -28.37 14.26
C TYR A 197 22.77 -28.76 14.98
N ASN A 198 23.49 -29.74 14.41
CA ASN A 198 24.71 -30.22 15.05
C ASN A 198 25.76 -29.11 15.15
N CYS A 199 25.80 -28.23 14.15
CA CYS A 199 26.73 -27.11 14.16
C CYS A 199 26.59 -26.27 15.42
N CYS A 200 25.37 -25.94 15.78
CA CYS A 200 25.04 -24.74 16.53
C CYS A 200 24.30 -25.12 17.81
N GLU A 201 24.67 -24.49 18.92
CA GLU A 201 24.12 -24.89 20.21
C GLU A 201 22.67 -24.50 20.37
N GLU A 202 22.19 -23.53 19.59
CA GLU A 202 20.87 -22.96 19.81
C GLU A 202 19.79 -23.89 19.28
N ILE A 203 18.72 -23.98 20.01
CA ILE A 203 17.53 -24.70 19.59
C ILE A 203 16.56 -23.71 18.96
N TYR A 204 15.86 -24.13 17.90
CA TYR A 204 14.88 -23.28 17.20
C TYR A 204 13.47 -23.79 17.41
N PRO A 205 12.61 -23.01 18.07
CA PRO A 205 11.22 -23.44 18.31
C PRO A 205 10.26 -22.94 17.24
N ASP A 206 9.15 -23.66 17.09
CA ASP A 206 8.05 -23.19 16.28
C ASP A 206 6.77 -23.70 16.89
N VAL A 207 5.68 -23.02 16.58
CA VAL A 207 4.33 -23.48 16.86
C VAL A 207 3.68 -23.78 15.51
N VAL A 208 3.28 -25.03 15.31
CA VAL A 208 2.75 -25.45 14.03
C VAL A 208 1.24 -25.56 14.11
N LEU A 209 0.56 -24.84 13.23
CA LEU A 209 -0.87 -24.94 13.08
C LEU A 209 -1.19 -26.08 12.12
N VAL A 210 -1.87 -27.10 12.59
CA VAL A 210 -2.27 -28.25 11.77
C VAL A 210 -3.78 -28.28 11.73
N VAL A 211 -4.33 -28.22 10.52
CA VAL A 211 -5.77 -28.16 10.32
C VAL A 211 -6.19 -29.30 9.43
N LYS A 212 -7.19 -30.04 9.88
CA LYS A 212 -7.84 -31.10 9.12
C LYS A 212 -9.25 -30.61 8.85
N PHE A 213 -9.61 -30.54 7.57
CA PHE A 213 -10.85 -29.89 7.18
C PHE A 213 -11.41 -30.59 5.94
N ARG A 214 -12.70 -30.35 5.67
CA ARG A 214 -13.33 -30.85 4.47
C ARG A 214 -14.43 -29.89 4.04
N GLU A 215 -14.75 -29.94 2.74
CA GLU A 215 -15.92 -29.23 2.23
C GLU A 215 -17.13 -29.60 3.06
N ARG A 216 -17.92 -28.60 3.44
CA ARG A 216 -19.07 -28.94 4.27
C ARG A 216 -20.02 -29.87 3.54
N ARG A 217 -20.00 -29.88 2.21
CA ARG A 217 -20.89 -30.78 1.47
C ARG A 217 -20.30 -32.19 1.30
N ALA A 218 -19.03 -32.40 1.68
CA ALA A 218 -18.41 -33.73 1.63
C ALA A 218 -18.74 -34.60 2.84
N GLY A 219 -19.19 -34.02 3.93
CA GLY A 219 -19.53 -34.80 5.11
C GLY A 219 -20.85 -35.53 4.90
N ASN A 220 -20.83 -36.85 4.99
CA ASN A 220 -21.96 -37.69 4.58
C ASN A 220 -22.28 -37.47 3.09
N GLY A 221 -21.22 -37.47 2.27
CA GLY A 221 -21.29 -36.83 0.95
C GLY A 221 -22.17 -37.53 -0.07
N PHE A 222 -22.26 -38.86 -0.02
CA PHE A 222 -23.09 -39.58 -0.98
C PHE A 222 -24.57 -39.24 -0.80
N HIS B 10 -9.34 37.41 9.68
CA HIS B 10 -9.57 37.38 11.14
C HIS B 10 -10.24 36.07 11.52
N SER B 11 -11.24 35.68 10.74
CA SER B 11 -11.86 34.38 10.92
C SER B 11 -10.84 33.26 10.78
N GLN B 12 -9.96 33.36 9.78
CA GLN B 12 -8.92 32.38 9.58
C GLN B 12 -7.90 32.40 10.72
N ALA B 13 -7.52 33.59 11.17
CA ALA B 13 -6.60 33.67 12.31
C ALA B 13 -7.20 33.07 13.56
N ASN B 14 -8.50 33.28 13.77
CA ASN B 14 -9.15 32.71 14.94
C ASN B 14 -9.17 31.18 14.88
N LEU B 15 -9.41 30.62 13.69
CA LEU B 15 -9.40 29.16 13.55
C LEU B 15 -7.99 28.60 13.75
N MET B 16 -6.99 29.22 13.13
CA MET B 16 -5.63 28.74 13.30
C MET B 16 -5.17 28.88 14.75
N ARG B 17 -5.74 29.84 15.49
CA ARG B 17 -5.42 29.95 16.91
C ARG B 17 -6.10 28.84 17.70
N LEU B 18 -7.39 28.60 17.42
CA LEU B 18 -8.12 27.51 18.07
C LEU B 18 -7.37 26.19 17.92
N LYS B 19 -7.01 25.83 16.70
CA LYS B 19 -6.38 24.53 16.47
C LYS B 19 -5.00 24.47 17.13
N SER B 20 -4.28 25.58 17.13
CA SER B 20 -3.00 25.62 17.83
C SER B 20 -3.19 25.48 19.34
N ASP B 21 -4.24 26.10 19.89
CA ASP B 21 -4.52 25.92 21.31
C ASP B 21 -4.94 24.50 21.63
N LEU B 22 -5.69 23.85 20.72
CA LEU B 22 -6.18 22.49 20.95
C LEU B 22 -5.09 21.45 20.74
N PHE B 23 -4.27 21.61 19.71
CA PHE B 23 -3.21 20.67 19.42
C PHE B 23 -1.84 21.31 19.64
N TYR B 29 -4.79 12.99 23.26
CA TYR B 29 -5.65 12.12 24.08
C TYR B 29 -5.09 10.70 24.06
N PRO B 30 -4.79 10.13 25.22
CA PRO B 30 -4.13 8.82 25.26
C PRO B 30 -5.08 7.65 25.08
N GLY B 31 -6.35 7.93 24.80
CA GLY B 31 -7.36 6.91 24.76
C GLY B 31 -7.95 6.65 26.14
N PRO B 32 -9.10 5.98 26.18
CA PRO B 32 -9.82 5.80 27.45
C PRO B 32 -9.20 4.75 28.38
N THR B 33 -9.63 4.79 29.64
CA THR B 33 -9.38 3.71 30.57
C THR B 33 -10.61 3.52 31.45
N LYS B 34 -10.57 2.52 32.32
CA LYS B 34 -11.70 2.21 33.21
C LYS B 34 -12.17 3.44 33.99
N ASP B 35 -11.24 4.28 34.43
CA ASP B 35 -11.61 5.48 35.17
C ASP B 35 -11.78 6.71 34.29
N ASP B 36 -11.59 6.56 32.97
CA ASP B 36 -11.90 7.60 32.01
C ASP B 36 -12.56 6.97 30.78
N PRO B 37 -13.75 6.38 30.97
CA PRO B 37 -14.43 5.71 29.85
C PRO B 37 -15.04 6.68 28.86
N LEU B 38 -15.17 6.23 27.63
CA LEU B 38 -15.65 7.02 26.52
C LEU B 38 -16.83 6.28 25.87
N THR B 39 -17.92 7.01 25.62
CA THR B 39 -19.04 6.48 24.87
C THR B 39 -18.85 6.78 23.40
N VAL B 40 -18.96 5.75 22.55
CA VAL B 40 -18.91 5.88 21.11
C VAL B 40 -20.27 5.44 20.57
N THR B 41 -20.93 6.32 19.86
CA THR B 41 -22.20 6.01 19.21
C THR B 41 -21.95 5.67 17.74
N LEU B 42 -22.53 4.56 17.29
CA LEU B 42 -22.32 4.03 15.96
C LEU B 42 -23.65 3.90 15.25
N GLY B 43 -23.66 4.19 13.96
CA GLY B 43 -24.76 3.83 13.10
C GLY B 43 -24.30 3.64 11.66
N PHE B 44 -25.09 2.84 10.92
CA PHE B 44 -24.76 2.49 9.54
C PHE B 44 -25.74 3.01 8.51
N THR B 45 -25.17 3.48 7.39
CA THR B 45 -25.87 3.76 6.15
C THR B 45 -25.40 2.75 5.14
N LEU B 46 -26.29 1.85 4.75
CA LEU B 46 -25.94 0.79 3.83
C LEU B 46 -26.18 1.28 2.41
N GLN B 47 -25.12 1.33 1.61
CA GLN B 47 -25.22 1.88 0.25
C GLN B 47 -25.32 0.81 -0.82
N ASP B 48 -24.66 -0.35 -0.65
CA ASP B 48 -24.71 -1.34 -1.69
C ASP B 48 -24.22 -2.69 -1.17
N ILE B 49 -24.89 -3.75 -1.58
CA ILE B 49 -24.31 -5.09 -1.57
C ILE B 49 -23.77 -5.30 -2.98
N VAL B 50 -22.45 -5.26 -3.13
CA VAL B 50 -21.81 -5.30 -4.44
C VAL B 50 -21.77 -6.71 -4.99
N LYS B 51 -21.34 -7.65 -4.17
CA LYS B 51 -20.94 -8.97 -4.61
C LYS B 51 -21.24 -9.98 -3.52
N ALA B 52 -21.73 -11.14 -3.90
CA ALA B 52 -21.96 -12.24 -2.97
C ALA B 52 -21.29 -13.44 -3.59
N ASP B 53 -20.23 -13.94 -2.95
CA ASP B 53 -19.41 -15.00 -3.53
C ASP B 53 -19.77 -16.30 -2.83
N SER B 54 -20.54 -17.15 -3.50
CA SER B 54 -20.92 -18.44 -2.95
C SER B 54 -19.81 -19.49 -3.03
N SER B 55 -18.73 -19.23 -3.74
CA SER B 55 -17.62 -20.17 -3.73
C SER B 55 -16.79 -20.08 -2.45
N THR B 56 -16.78 -18.93 -1.79
CA THR B 56 -16.00 -18.69 -0.56
C THR B 56 -16.84 -18.23 0.62
N ASN B 57 -18.13 -17.97 0.42
CA ASN B 57 -19.02 -17.40 1.43
C ASN B 57 -18.41 -16.12 2.01
N GLU B 58 -18.13 -15.20 1.09
CA GLU B 58 -17.78 -13.81 1.36
C GLU B 58 -18.78 -12.92 0.64
N VAL B 59 -19.24 -11.89 1.34
CA VAL B 59 -20.12 -10.89 0.75
C VAL B 59 -19.46 -9.52 0.95
N ASP B 60 -19.60 -8.69 -0.07
CA ASP B 60 -18.97 -7.36 -0.13
C ASP B 60 -20.02 -6.27 0.02
N LEU B 61 -19.89 -5.46 1.06
CA LEU B 61 -20.75 -4.32 1.34
C LEU B 61 -20.01 -3.00 1.17
N VAL B 62 -20.75 -1.96 0.74
CA VAL B 62 -20.36 -0.56 0.82
C VAL B 62 -21.34 0.14 1.74
N TYR B 63 -20.82 0.82 2.76
CA TYR B 63 -21.62 1.47 3.79
C TYR B 63 -20.85 2.67 4.31
N TRP B 64 -21.56 3.57 4.96
CA TRP B 64 -20.96 4.67 5.68
C TRP B 64 -21.17 4.41 7.16
N GLU B 65 -20.08 4.47 7.92
CA GLU B 65 -20.07 4.12 9.33
C GLU B 65 -19.98 5.41 10.13
N GLN B 66 -21.11 5.86 10.65
CA GLN B 66 -21.13 7.07 11.45
C GLN B 66 -20.67 6.78 12.87
N GLN B 67 -19.68 7.56 13.34
CA GLN B 67 -19.04 7.41 14.63
C GLN B 67 -19.09 8.76 15.32
N ARG B 68 -19.48 8.79 16.58
CA ARG B 68 -19.54 10.02 17.36
C ARG B 68 -19.08 9.76 18.79
N TRP B 69 -18.24 10.65 19.31
CA TRP B 69 -17.77 10.59 20.69
C TRP B 69 -17.46 12.03 21.14
N LYS B 70 -17.17 12.20 22.43
CA LYS B 70 -16.96 13.53 22.99
C LYS B 70 -15.76 13.49 23.92
N LEU B 71 -14.89 14.49 23.78
CA LEU B 71 -13.69 14.64 24.58
C LEU B 71 -13.67 16.01 25.25
N ASN B 72 -13.52 16.03 26.59
CA ASN B 72 -13.45 17.32 27.27
C ASN B 72 -12.27 18.14 26.75
N SER B 73 -11.21 17.50 26.28
CA SER B 73 -10.02 18.19 25.83
C SER B 73 -10.16 18.79 24.43
N LEU B 74 -11.32 18.65 23.79
CA LEU B 74 -11.60 19.28 22.51
C LEU B 74 -12.67 20.36 22.63
N MET B 75 -13.03 20.73 23.85
CA MET B 75 -14.04 21.76 24.08
C MET B 75 -13.40 23.14 24.03
N TRP B 76 -14.20 24.13 23.63
CA TRP B 76 -13.74 25.51 23.66
C TRP B 76 -14.95 26.42 23.75
N ASP B 77 -14.67 27.70 24.03
CA ASP B 77 -15.70 28.73 24.13
C ASP B 77 -15.81 29.44 22.78
N PRO B 78 -16.92 29.33 22.07
CA PRO B 78 -17.03 30.05 20.78
C PRO B 78 -16.78 31.55 20.91
N ASN B 79 -17.13 32.15 22.06
CA ASN B 79 -16.93 33.60 22.22
C ASN B 79 -15.47 33.95 22.36
N GLU B 80 -14.65 33.03 22.89
CA GLU B 80 -13.22 33.29 22.99
C GLU B 80 -12.50 33.06 21.66
N TYR B 81 -13.21 32.60 20.63
CA TYR B 81 -12.59 32.26 19.34
C TYR B 81 -13.44 32.76 18.19
N GLY B 82 -14.01 33.96 18.32
CA GLY B 82 -14.66 34.60 17.19
C GLY B 82 -15.95 33.94 16.75
N ASN B 83 -16.68 33.33 17.68
CA ASN B 83 -17.96 32.67 17.40
C ASN B 83 -17.79 31.33 16.69
N ILE B 84 -16.56 30.87 16.47
CA ILE B 84 -16.33 29.57 15.82
C ILE B 84 -17.02 28.48 16.64
N THR B 85 -17.91 27.74 16.00
CA THR B 85 -18.63 26.65 16.68
C THR B 85 -18.14 25.25 16.34
N ASP B 86 -17.40 25.08 15.25
CA ASP B 86 -16.90 23.75 14.87
C ASP B 86 -15.84 23.95 13.80
N PHE B 87 -15.13 22.87 13.49
CA PHE B 87 -14.17 22.93 12.41
C PHE B 87 -13.93 21.52 11.87
N ARG B 88 -13.31 21.47 10.70
CA ARG B 88 -12.92 20.21 10.06
C ARG B 88 -11.45 19.97 10.31
N THR B 89 -11.06 18.71 10.53
CA THR B 89 -9.65 18.43 10.71
C THR B 89 -9.39 17.01 10.26
N SER B 90 -8.17 16.77 9.78
CA SER B 90 -7.75 15.42 9.44
C SER B 90 -7.97 14.48 10.62
N ALA B 91 -8.48 13.28 10.35
CA ALA B 91 -8.67 12.28 11.39
C ALA B 91 -7.34 11.83 11.99
N ALA B 92 -6.23 12.00 11.26
CA ALA B 92 -4.91 11.74 11.83
C ALA B 92 -4.54 12.76 12.89
N ASP B 93 -5.20 13.92 12.93
CA ASP B 93 -4.90 14.96 13.91
C ASP B 93 -5.47 14.65 15.29
N ILE B 94 -6.41 13.71 15.38
CA ILE B 94 -7.12 13.45 16.62
C ILE B 94 -7.11 11.95 16.92
N TRP B 95 -7.36 11.63 18.17
CA TRP B 95 -7.64 10.24 18.53
C TRP B 95 -8.92 9.79 17.87
N THR B 96 -8.92 8.57 17.34
CA THR B 96 -10.16 7.97 16.83
C THR B 96 -10.35 6.57 17.39
N PRO B 97 -11.59 6.10 17.56
CA PRO B 97 -11.82 4.76 18.13
C PRO B 97 -11.51 3.67 17.13
N ASP B 98 -11.07 2.52 17.67
CA ASP B 98 -10.57 1.41 16.85
C ASP B 98 -11.72 0.48 16.41
N ILE B 99 -12.75 1.07 15.83
CA ILE B 99 -13.94 0.31 15.47
C ILE B 99 -13.60 -0.60 14.29
N THR B 100 -13.90 -1.89 14.46
CA THR B 100 -13.46 -2.96 13.57
C THR B 100 -14.61 -3.92 13.31
N ALA B 101 -14.75 -4.42 12.10
CA ALA B 101 -15.64 -5.56 11.85
C ALA B 101 -15.00 -6.82 12.43
N TYR B 102 -15.79 -7.66 13.10
CA TYR B 102 -15.19 -8.82 13.77
C TYR B 102 -15.10 -10.06 12.90
N SER B 103 -15.60 -10.02 11.66
CA SER B 103 -15.54 -11.17 10.76
C SER B 103 -15.24 -10.74 9.33
N SER B 104 -14.45 -9.69 9.16
CA SER B 104 -13.92 -9.38 7.84
C SER B 104 -13.03 -10.51 7.34
N THR B 105 -12.92 -10.62 6.01
CA THR B 105 -11.97 -11.55 5.39
C THR B 105 -10.90 -10.88 4.55
N ARG B 106 -10.94 -9.57 4.36
CA ARG B 106 -9.90 -8.77 3.72
C ARG B 106 -9.83 -7.47 4.49
N PRO B 107 -8.70 -6.78 4.45
CA PRO B 107 -8.65 -5.45 5.09
C PRO B 107 -9.72 -4.55 4.50
N VAL B 108 -10.37 -3.78 5.38
CA VAL B 108 -11.42 -2.88 4.90
C VAL B 108 -10.77 -1.81 4.02
N GLN B 109 -11.51 -1.36 3.02
CA GLN B 109 -11.00 -0.35 2.08
C GLN B 109 -11.75 0.95 2.33
N VAL B 110 -11.01 2.02 2.56
CA VAL B 110 -11.62 3.31 2.87
C VAL B 110 -11.90 4.07 1.57
N LEU B 111 -13.13 4.56 1.42
CA LEU B 111 -13.58 5.14 0.17
C LEU B 111 -13.66 6.65 0.25
N SER B 112 -13.60 7.21 1.44
CA SER B 112 -13.80 8.64 1.62
C SER B 112 -12.62 9.30 2.30
N PRO B 113 -12.50 10.62 2.16
CA PRO B 113 -11.43 11.37 2.84
C PRO B 113 -11.51 11.22 4.36
N GLN B 114 -10.34 11.13 4.98
CA GLN B 114 -10.24 10.86 6.42
C GLN B 114 -10.22 12.17 7.19
N ILE B 115 -11.40 12.78 7.28
CA ILE B 115 -11.62 14.09 7.86
C ILE B 115 -12.81 13.99 8.80
N ALA B 116 -12.68 14.61 9.95
CA ALA B 116 -13.69 14.65 10.99
C ALA B 116 -14.13 16.09 11.25
N VAL B 117 -15.31 16.21 11.84
CA VAL B 117 -15.87 17.48 12.29
C VAL B 117 -15.86 17.52 13.81
N VAL B 118 -15.23 18.56 14.37
CA VAL B 118 -15.13 18.77 15.80
C VAL B 118 -15.99 19.97 16.16
N THR B 119 -16.80 19.83 17.19
CA THR B 119 -17.73 20.87 17.60
C THR B 119 -17.33 21.39 18.98
N HIS B 120 -17.73 22.64 19.26
CA HIS B 120 -17.21 23.34 20.43
C HIS B 120 -17.53 22.62 21.75
N ASP B 121 -18.52 21.71 21.78
CA ASP B 121 -18.80 20.94 22.99
C ASP B 121 -17.87 19.74 23.18
N GLY B 122 -16.86 19.61 22.31
CA GLY B 122 -15.95 18.48 22.40
C GLY B 122 -16.37 17.27 21.59
N SER B 123 -17.53 17.31 20.94
CA SER B 123 -18.01 16.16 20.21
C SER B 123 -17.35 16.06 18.83
N VAL B 124 -17.12 14.84 18.41
CA VAL B 124 -16.48 14.55 17.12
C VAL B 124 -17.43 13.67 16.31
N MET B 125 -17.56 14.00 15.04
CA MET B 125 -18.34 13.23 14.09
C MET B 125 -17.40 12.75 12.99
N PHE B 126 -17.37 11.44 12.73
CA PHE B 126 -16.45 10.89 11.74
C PHE B 126 -17.23 9.81 11.00
N ILE B 127 -17.32 9.93 9.68
CA ILE B 127 -18.20 9.06 8.89
C ILE B 127 -17.45 8.49 7.70
N PRO B 128 -16.61 7.49 7.91
CA PRO B 128 -15.88 6.89 6.78
C PRO B 128 -16.81 6.04 5.94
N ALA B 129 -16.68 6.21 4.63
CA ALA B 129 -17.26 5.25 3.69
C ALA B 129 -16.27 4.11 3.50
N GLN B 130 -16.79 2.87 3.50
CA GLN B 130 -15.94 1.69 3.47
C GLN B 130 -16.52 0.61 2.59
N ARG B 131 -15.63 -0.20 2.02
CA ARG B 131 -16.00 -1.45 1.35
C ARG B 131 -15.40 -2.60 2.16
N LEU B 132 -16.26 -3.56 2.52
CA LEU B 132 -15.96 -4.62 3.49
C LEU B 132 -16.34 -5.96 2.90
N SER B 133 -15.41 -6.91 2.87
CA SER B 133 -15.71 -8.31 2.58
C SER B 133 -15.81 -8.99 3.93
N PHE B 134 -16.90 -9.74 4.14
CA PHE B 134 -17.11 -10.40 5.44
C PHE B 134 -17.73 -11.78 5.24
N MET B 135 -17.67 -12.58 6.33
CA MET B 135 -18.14 -13.96 6.29
C MET B 135 -19.66 -13.99 6.19
N CYS B 136 -20.15 -14.59 5.11
CA CYS B 136 -21.58 -14.57 4.81
C CYS B 136 -21.87 -15.64 3.77
N ASP B 137 -22.76 -16.56 4.11
CA ASP B 137 -23.23 -17.60 3.21
C ASP B 137 -24.48 -17.08 2.47
N PRO B 138 -24.42 -16.84 1.16
CA PRO B 138 -25.59 -16.26 0.49
C PRO B 138 -26.59 -17.30 -0.01
N THR B 139 -26.53 -18.49 0.56
CA THR B 139 -27.48 -19.52 0.16
C THR B 139 -28.90 -18.98 0.39
N GLY B 140 -29.74 -19.12 -0.63
CA GLY B 140 -31.10 -18.60 -0.58
C GLY B 140 -31.28 -17.21 -1.17
N VAL B 141 -30.20 -16.56 -1.60
CA VAL B 141 -30.34 -15.21 -2.10
C VAL B 141 -31.17 -15.19 -3.39
N ASP B 142 -31.19 -16.31 -4.12
CA ASP B 142 -31.98 -16.47 -5.34
C ASP B 142 -33.40 -16.93 -5.08
N SER B 143 -33.93 -16.69 -3.88
CA SER B 143 -35.26 -17.09 -3.50
C SER B 143 -36.01 -15.88 -2.99
N GLU B 144 -37.32 -16.05 -2.76
CA GLU B 144 -38.16 -14.98 -2.27
C GLU B 144 -37.81 -14.61 -0.83
N GLU B 145 -37.44 -15.61 -0.03
CA GLU B 145 -37.10 -15.40 1.37
C GLU B 145 -35.75 -14.71 1.53
N GLY B 146 -34.88 -14.82 0.56
CA GLY B 146 -33.59 -14.18 0.62
C GLY B 146 -32.63 -14.93 1.53
N ALA B 147 -31.46 -14.35 1.71
CA ALA B 147 -30.40 -14.82 2.58
C ALA B 147 -30.24 -13.83 3.72
N THR B 148 -29.71 -14.31 4.84
CA THR B 148 -29.50 -13.43 5.99
C THR B 148 -28.07 -13.59 6.47
N CYS B 149 -27.42 -12.47 6.73
CA CYS B 149 -26.06 -12.48 7.21
C CYS B 149 -25.90 -11.41 8.27
N ALA B 150 -24.88 -11.56 9.09
CA ALA B 150 -24.64 -10.66 10.21
C ALA B 150 -23.15 -10.45 10.37
N VAL B 151 -22.80 -9.26 10.79
CA VAL B 151 -21.41 -8.94 11.07
C VAL B 151 -21.42 -7.99 12.26
N LYS B 152 -20.54 -8.26 13.20
CA LYS B 152 -20.40 -7.43 14.38
C LYS B 152 -19.32 -6.37 14.20
N PHE B 153 -19.58 -5.20 14.76
CA PHE B 153 -18.66 -4.06 14.75
C PHE B 153 -18.42 -3.61 16.19
N GLY B 154 -17.18 -3.36 16.54
CA GLY B 154 -16.87 -2.85 17.88
C GLY B 154 -15.39 -2.59 18.04
N SER B 155 -15.01 -2.16 19.24
CA SER B 155 -13.59 -2.01 19.51
C SER B 155 -12.86 -3.36 19.40
N TRP B 156 -11.65 -3.36 18.83
CA TRP B 156 -10.82 -4.56 18.85
C TRP B 156 -10.19 -4.80 20.22
N VAL B 157 -9.74 -3.74 20.89
CA VAL B 157 -8.84 -3.90 22.03
C VAL B 157 -9.38 -3.31 23.32
N TYR B 158 -10.51 -2.61 23.31
CA TYR B 158 -11.08 -1.99 24.49
C TYR B 158 -12.35 -2.74 24.89
N SER B 159 -12.49 -3.04 26.17
CA SER B 159 -13.74 -3.61 26.70
C SER B 159 -14.74 -2.48 26.96
N GLY B 160 -15.95 -2.87 27.36
CA GLY B 160 -16.97 -1.90 27.75
C GLY B 160 -16.60 -1.02 28.94
N PHE B 161 -15.56 -1.37 29.69
CA PHE B 161 -15.09 -0.49 30.74
C PHE B 161 -14.36 0.73 30.19
N GLU B 162 -13.86 0.66 28.96
CA GLU B 162 -13.17 1.80 28.37
C GLU B 162 -13.93 2.43 27.23
N ILE B 163 -14.50 1.62 26.33
CA ILE B 163 -15.35 2.12 25.26
C ILE B 163 -16.75 1.54 25.45
N ASP B 164 -17.68 2.41 25.81
CA ASP B 164 -19.09 2.07 25.95
C ASP B 164 -19.77 2.36 24.60
N LEU B 165 -20.18 1.32 23.90
CA LEU B 165 -20.74 1.43 22.55
C LEU B 165 -22.26 1.60 22.63
N LYS B 166 -22.78 2.57 21.87
CA LYS B 166 -24.20 2.90 21.81
C LYS B 166 -24.67 3.04 20.37
N THR B 167 -25.99 2.96 20.20
CA THR B 167 -26.68 3.35 18.98
C THR B 167 -27.72 4.42 19.28
N ASP B 168 -28.00 5.25 18.27
CA ASP B 168 -29.14 6.17 18.33
C ASP B 168 -30.42 5.51 17.87
N THR B 169 -30.31 4.44 17.08
CA THR B 169 -31.45 3.74 16.53
C THR B 169 -30.98 2.37 16.09
N ASP B 170 -31.91 1.43 16.00
CA ASP B 170 -31.58 0.13 15.45
C ASP B 170 -31.96 0.02 13.98
N GLN B 171 -32.48 1.09 13.39
CA GLN B 171 -32.88 1.04 11.99
C GLN B 171 -31.69 1.52 11.16
N VAL B 172 -31.11 0.60 10.38
CA VAL B 172 -30.06 0.94 9.42
C VAL B 172 -30.61 1.91 8.39
N ASP B 173 -29.85 2.96 8.10
CA ASP B 173 -30.30 3.97 7.13
C ASP B 173 -30.16 3.39 5.71
N LEU B 174 -31.31 3.17 5.07
CA LEU B 174 -31.36 2.62 3.72
C LEU B 174 -31.72 3.67 2.67
N SER B 175 -31.78 4.94 3.06
CA SER B 175 -32.24 6.02 2.18
C SER B 175 -31.27 6.34 1.05
N SER B 176 -30.03 5.86 1.15
CA SER B 176 -29.07 6.00 0.08
C SER B 176 -28.72 4.67 -0.55
N TYR B 177 -29.51 3.61 -0.29
CA TYR B 177 -29.15 2.31 -0.86
C TYR B 177 -29.31 2.36 -2.37
N TYR B 178 -28.36 1.77 -3.08
CA TYR B 178 -28.33 1.89 -4.56
C TYR B 178 -29.52 1.15 -5.17
N ALA B 179 -30.40 1.88 -5.88
CA ALA B 179 -31.67 1.30 -6.33
C ALA B 179 -31.51 0.29 -7.45
N SER B 180 -30.38 0.26 -8.14
CA SER B 180 -30.14 -0.75 -9.16
C SER B 180 -29.03 -1.73 -8.80
N SER B 181 -28.81 -1.92 -7.50
CA SER B 181 -27.92 -2.98 -7.03
C SER B 181 -28.37 -4.32 -7.57
N LYS B 182 -27.43 -5.27 -7.69
CA LYS B 182 -27.82 -6.64 -7.96
C LYS B 182 -28.64 -7.24 -6.83
N TYR B 183 -28.60 -6.64 -5.64
CA TYR B 183 -29.27 -7.20 -4.46
C TYR B 183 -30.19 -6.14 -3.88
N GLU B 184 -31.42 -6.54 -3.56
CA GLU B 184 -32.35 -5.69 -2.83
C GLU B 184 -32.35 -6.08 -1.37
N ILE B 185 -32.53 -5.08 -0.53
CA ILE B 185 -32.54 -5.24 0.92
C ILE B 185 -33.96 -5.52 1.38
N LEU B 186 -34.15 -6.65 2.07
CA LEU B 186 -35.43 -6.93 2.70
C LEU B 186 -35.50 -6.34 4.11
N SER B 187 -34.41 -6.39 4.85
CA SER B 187 -34.37 -5.59 6.07
C SER B 187 -32.92 -5.46 6.50
N ALA B 188 -32.66 -4.39 7.25
CA ALA B 188 -31.33 -4.16 7.82
C ALA B 188 -31.48 -3.56 9.21
N THR B 189 -30.89 -4.21 10.21
CA THR B 189 -31.06 -3.82 11.59
C THR B 189 -29.68 -3.79 12.24
N GLN B 190 -29.45 -2.77 13.09
CA GLN B 190 -28.21 -2.65 13.86
C GLN B 190 -28.53 -2.76 15.35
N TYR B 191 -28.14 -3.88 15.97
CA TYR B 191 -28.47 -4.20 17.35
C TYR B 191 -27.30 -3.90 18.26
N LYS B 192 -27.57 -3.31 19.44
CA LYS B 192 -26.52 -3.11 20.45
C LYS B 192 -26.47 -4.36 21.31
N HIS B 193 -25.42 -5.15 21.14
CA HIS B 193 -25.28 -6.47 21.72
C HIS B 193 -24.08 -6.49 22.64
N ASP B 194 -24.06 -7.41 23.61
CA ASP B 194 -22.82 -7.63 24.33
C ASP B 194 -22.72 -9.08 24.81
N ILE B 195 -21.49 -9.43 25.20
CA ILE B 195 -21.20 -10.71 25.84
C ILE B 195 -20.38 -10.43 27.09
N LYS B 196 -20.61 -11.26 28.09
CA LYS B 196 -19.96 -11.16 29.39
C LYS B 196 -19.46 -12.54 29.76
N TYR B 197 -18.26 -12.63 30.34
CA TYR B 197 -17.73 -13.89 30.84
C TYR B 197 -17.92 -13.91 32.35
N ASN B 198 -18.49 -15.00 32.87
CA ASN B 198 -18.98 -15.00 34.24
C ASN B 198 -17.90 -14.71 35.26
N CYS B 199 -16.64 -15.07 34.93
CA CYS B 199 -15.52 -14.82 35.83
C CYS B 199 -15.38 -13.36 36.23
N CYS B 200 -15.75 -12.45 35.34
CA CYS B 200 -15.14 -11.13 35.30
C CYS B 200 -16.20 -10.07 35.08
N GLU B 201 -15.95 -8.85 35.57
CA GLU B 201 -16.97 -7.81 35.53
C GLU B 201 -17.10 -7.19 34.13
N GLU B 202 -16.09 -7.33 33.29
CA GLU B 202 -16.08 -6.60 32.02
C GLU B 202 -17.15 -7.14 31.09
N ILE B 203 -17.79 -6.22 30.38
CA ILE B 203 -18.69 -6.56 29.30
C ILE B 203 -18.04 -6.15 27.97
N TYR B 204 -18.32 -6.90 26.92
CA TYR B 204 -17.75 -6.69 25.59
C TYR B 204 -18.87 -6.35 24.62
N PRO B 205 -19.08 -5.08 24.32
CA PRO B 205 -20.21 -4.68 23.48
C PRO B 205 -19.83 -4.68 22.00
N ASP B 206 -20.86 -4.74 21.17
CA ASP B 206 -20.73 -4.63 19.73
C ASP B 206 -22.03 -4.10 19.17
N VAL B 207 -21.99 -3.67 17.92
CA VAL B 207 -23.20 -3.44 17.15
C VAL B 207 -23.26 -4.51 16.08
N VAL B 208 -24.29 -5.33 16.13
CA VAL B 208 -24.49 -6.43 15.18
C VAL B 208 -25.34 -5.93 14.04
N LEU B 209 -24.75 -5.89 12.84
CA LEU B 209 -25.45 -5.49 11.63
C LEU B 209 -26.03 -6.75 11.01
N VAL B 210 -27.36 -6.82 10.94
CA VAL B 210 -28.04 -7.99 10.37
C VAL B 210 -28.75 -7.55 9.09
N VAL B 211 -28.44 -8.22 7.99
CA VAL B 211 -28.95 -7.84 6.68
C VAL B 211 -29.62 -9.05 6.04
N LYS B 212 -30.87 -8.86 5.64
CA LYS B 212 -31.62 -9.84 4.87
C LYS B 212 -31.75 -9.29 3.46
N PHE B 213 -31.34 -10.06 2.48
CA PHE B 213 -31.23 -9.54 1.12
C PHE B 213 -31.53 -10.65 0.11
N ARG B 214 -31.81 -10.22 -1.13
CA ARG B 214 -32.09 -11.19 -2.18
C ARG B 214 -31.79 -10.56 -3.53
N GLU B 215 -31.59 -11.43 -4.53
CA GLU B 215 -31.31 -11.00 -5.91
C GLU B 215 -32.46 -10.15 -6.48
N ASP C 6 23.59 33.51 -15.07
CA ASP C 6 23.25 33.84 -13.65
C ASP C 6 21.79 34.31 -13.53
N ASP C 7 21.19 34.72 -14.65
CA ASP C 7 19.77 35.04 -14.65
C ASP C 7 18.95 33.82 -14.21
N LYS C 8 19.24 32.65 -14.80
CA LYS C 8 18.58 31.42 -14.37
C LYS C 8 18.73 31.22 -12.86
N LEU C 9 19.93 31.49 -12.32
CA LEU C 9 20.16 31.30 -10.89
C LEU C 9 19.34 32.27 -10.05
N HIS C 10 19.13 33.50 -10.54
CA HIS C 10 18.33 34.44 -9.77
C HIS C 10 16.84 34.09 -9.82
N SER C 11 16.37 33.47 -10.90
CA SER C 11 14.99 33.02 -10.95
C SER C 11 14.75 31.84 -10.00
N GLN C 12 15.75 30.96 -9.86
CA GLN C 12 15.62 29.86 -8.90
C GLN C 12 15.51 30.38 -7.48
N ALA C 13 16.36 31.35 -7.13
CA ALA C 13 16.34 31.91 -5.79
C ALA C 13 15.07 32.69 -5.55
N ASN C 14 14.58 33.40 -6.58
CA ASN C 14 13.32 34.12 -6.45
C ASN C 14 12.14 33.18 -6.21
N LEU C 15 12.16 31.99 -6.82
CA LEU C 15 11.09 31.02 -6.62
C LEU C 15 11.21 30.35 -5.26
N MET C 16 12.43 29.96 -4.86
CA MET C 16 12.62 29.42 -3.52
C MET C 16 12.16 30.41 -2.46
N ARG C 17 12.40 31.71 -2.69
CA ARG C 17 12.00 32.73 -1.73
C ARG C 17 10.49 32.92 -1.72
N LEU C 18 9.87 32.89 -2.90
CA LEU C 18 8.41 32.96 -2.99
C LEU C 18 7.76 31.78 -2.27
N LYS C 19 8.30 30.58 -2.42
CA LYS C 19 7.65 29.42 -1.82
C LYS C 19 7.84 29.42 -0.30
N SER C 20 9.01 29.84 0.18
CA SER C 20 9.21 30.00 1.61
C SER C 20 8.27 31.06 2.18
N ASP C 21 8.22 32.24 1.56
CA ASP C 21 7.30 33.28 2.02
C ASP C 21 5.87 32.75 2.11
N LEU C 22 5.46 31.91 1.15
CA LEU C 22 4.08 31.42 1.12
C LEU C 22 3.84 30.29 2.12
N PHE C 23 4.86 29.46 2.37
CA PHE C 23 4.70 28.30 3.25
C PHE C 23 5.55 28.46 4.52
N TYR C 29 -3.36 27.46 5.77
CA TYR C 29 -4.76 27.78 5.51
C TYR C 29 -5.61 26.70 6.16
N PRO C 30 -6.45 27.08 7.13
CA PRO C 30 -7.17 26.07 7.91
C PRO C 30 -8.33 25.42 7.18
N GLY C 31 -8.54 25.78 5.92
CA GLY C 31 -9.70 25.33 5.18
C GLY C 31 -10.84 26.32 5.31
N PRO C 32 -11.84 26.18 4.45
CA PRO C 32 -12.95 27.15 4.45
C PRO C 32 -13.83 27.00 5.68
N THR C 33 -14.59 28.07 5.95
CA THR C 33 -15.58 28.08 7.00
C THR C 33 -16.83 28.81 6.52
N LYS C 34 -17.88 28.77 7.35
CA LYS C 34 -19.11 29.51 7.04
C LYS C 34 -18.83 31.01 6.92
N ASP C 35 -17.85 31.51 7.67
CA ASP C 35 -17.47 32.91 7.61
C ASP C 35 -16.40 33.21 6.57
N ASP C 36 -15.77 32.19 5.98
CA ASP C 36 -14.77 32.37 4.94
C ASP C 36 -14.93 31.28 3.88
N PRO C 37 -16.07 31.27 3.19
CA PRO C 37 -16.36 30.15 2.29
C PRO C 37 -15.53 30.20 1.01
N LEU C 38 -15.52 29.07 0.32
CA LEU C 38 -14.68 28.85 -0.85
C LEU C 38 -15.53 28.30 -1.96
N THR C 39 -15.26 28.71 -3.20
CA THR C 39 -15.91 28.18 -4.37
C THR C 39 -14.92 27.30 -5.13
N VAL C 40 -15.32 26.06 -5.41
CA VAL C 40 -14.49 25.12 -6.16
C VAL C 40 -15.19 24.86 -7.48
N THR C 41 -14.49 25.13 -8.58
CA THR C 41 -14.98 24.80 -9.90
C THR C 41 -14.49 23.42 -10.32
N LEU C 42 -15.41 22.60 -10.77
CA LEU C 42 -15.14 21.24 -11.19
C LEU C 42 -15.47 21.09 -12.67
N GLY C 43 -14.67 20.30 -13.36
CA GLY C 43 -15.00 19.84 -14.70
C GLY C 43 -14.34 18.51 -15.00
N PHE C 44 -15.03 17.69 -15.79
CA PHE C 44 -14.60 16.35 -16.10
C PHE C 44 -14.27 16.18 -17.56
N THR C 45 -13.16 15.51 -17.79
CA THR C 45 -12.74 15.00 -19.09
C THR C 45 -12.76 13.50 -19.01
N LEU C 46 -13.69 12.87 -19.74
CA LEU C 46 -13.85 11.42 -19.71
C LEU C 46 -12.99 10.82 -20.81
N GLN C 47 -12.05 9.96 -20.40
CA GLN C 47 -11.08 9.36 -21.32
C GLN C 47 -11.47 7.95 -21.74
N ASP C 48 -12.08 7.17 -20.84
CA ASP C 48 -12.36 5.79 -21.17
C ASP C 48 -13.37 5.22 -20.20
N ILE C 49 -14.31 4.46 -20.75
CA ILE C 49 -15.07 3.47 -19.99
C ILE C 49 -14.34 2.17 -20.22
N VAL C 50 -13.63 1.70 -19.20
CA VAL C 50 -12.76 0.55 -19.34
C VAL C 50 -13.54 -0.74 -19.28
N LYS C 51 -14.44 -0.86 -18.31
CA LYS C 51 -15.04 -2.13 -17.95
C LYS C 51 -16.45 -1.88 -17.44
N ALA C 52 -17.37 -2.76 -17.80
CA ALA C 52 -18.73 -2.75 -17.24
C ALA C 52 -19.00 -4.17 -16.77
N ASP C 53 -19.24 -4.32 -15.49
CA ASP C 53 -19.40 -5.63 -14.85
C ASP C 53 -20.88 -5.80 -14.51
N SER C 54 -21.58 -6.64 -15.28
CA SER C 54 -22.99 -6.92 -15.02
C SER C 54 -23.21 -7.91 -13.89
N SER C 55 -22.16 -8.57 -13.40
CA SER C 55 -22.32 -9.50 -12.28
C SER C 55 -22.30 -8.79 -10.93
N THR C 56 -21.81 -7.55 -10.87
CA THR C 56 -21.77 -6.75 -9.65
C THR C 56 -22.36 -5.37 -9.80
N ASN C 57 -22.73 -4.95 -11.01
CA ASN C 57 -23.19 -3.59 -11.34
C ASN C 57 -22.20 -2.54 -10.82
N GLU C 58 -20.98 -2.67 -11.34
CA GLU C 58 -19.88 -1.73 -11.20
C GLU C 58 -19.36 -1.41 -12.59
N VAL C 59 -19.16 -0.14 -12.87
CA VAL C 59 -18.49 0.29 -14.11
C VAL C 59 -17.23 1.06 -13.74
N ASP C 60 -16.18 0.92 -14.58
CA ASP C 60 -14.85 1.51 -14.36
C ASP C 60 -14.60 2.63 -15.39
N LEU C 61 -14.35 3.84 -14.89
CA LEU C 61 -14.05 5.02 -15.68
C LEU C 61 -12.63 5.49 -15.46
N VAL C 62 -12.01 6.01 -16.52
CA VAL C 62 -10.82 6.86 -16.40
C VAL C 62 -11.19 8.27 -16.88
N TYR C 63 -10.88 9.27 -16.05
CA TYR C 63 -11.21 10.67 -16.33
C TYR C 63 -10.16 11.57 -15.69
N TRP C 64 -10.12 12.81 -16.16
CA TRP C 64 -9.34 13.86 -15.54
C TRP C 64 -10.33 14.80 -14.89
N GLU C 65 -10.14 15.08 -13.60
CA GLU C 65 -11.03 15.93 -12.82
C GLU C 65 -10.35 17.28 -12.59
N GLN C 66 -10.80 18.32 -13.30
CA GLN C 66 -10.19 19.63 -13.13
C GLN C 66 -10.82 20.32 -11.94
N GLN C 67 -9.98 20.80 -11.02
CA GLN C 67 -10.40 21.51 -9.83
C GLN C 67 -9.74 22.87 -9.82
N ARG C 68 -10.52 23.92 -9.57
CA ARG C 68 -9.98 25.26 -9.45
C ARG C 68 -10.61 25.98 -8.27
N TRP C 69 -9.77 26.70 -7.53
CA TRP C 69 -10.20 27.54 -6.42
C TRP C 69 -9.15 28.66 -6.30
N LYS C 70 -9.44 29.64 -5.44
CA LYS C 70 -8.56 30.80 -5.29
C LYS C 70 -8.53 31.19 -3.82
N LEU C 71 -7.33 31.41 -3.31
CA LEU C 71 -7.12 31.77 -1.91
C LEU C 71 -6.34 33.08 -1.86
N ASN C 72 -6.80 34.01 -1.00
CA ASN C 72 -6.05 35.24 -0.77
C ASN C 72 -4.68 34.96 -0.17
N SER C 73 -4.56 33.91 0.66
CA SER C 73 -3.29 33.55 1.26
C SER C 73 -2.26 33.03 0.27
N LEU C 74 -2.63 32.82 -1.00
CA LEU C 74 -1.67 32.39 -2.00
C LEU C 74 -1.34 33.48 -3.02
N MET C 75 -1.84 34.70 -2.83
CA MET C 75 -1.54 35.79 -3.75
C MET C 75 -0.15 36.33 -3.47
N TRP C 76 0.48 36.86 -4.51
CA TRP C 76 1.72 37.61 -4.34
C TRP C 76 1.79 38.64 -5.46
N ASP C 77 2.72 39.58 -5.27
CA ASP C 77 3.04 40.56 -6.30
C ASP C 77 4.20 40.03 -7.16
N PRO C 78 4.01 39.82 -8.47
CA PRO C 78 5.14 39.35 -9.30
C PRO C 78 6.33 40.31 -9.28
N ASN C 79 6.08 41.61 -9.21
CA ASN C 79 7.16 42.59 -9.16
C ASN C 79 8.15 42.29 -8.04
N GLU C 80 7.67 41.74 -6.93
CA GLU C 80 8.50 41.48 -5.77
C GLU C 80 9.25 40.15 -5.84
N TYR C 81 9.03 39.36 -6.88
CA TYR C 81 9.60 38.01 -6.97
C TYR C 81 10.04 37.69 -8.39
N GLY C 82 10.59 38.68 -9.10
CA GLY C 82 11.22 38.41 -10.39
C GLY C 82 10.29 38.25 -11.55
N ASN C 83 9.12 38.89 -11.52
CA ASN C 83 8.08 38.71 -12.53
C ASN C 83 7.50 37.29 -12.55
N ILE C 84 7.70 36.52 -11.48
CA ILE C 84 7.11 35.17 -11.38
C ILE C 84 5.60 35.29 -11.29
N THR C 85 4.89 34.74 -12.28
CA THR C 85 3.43 34.82 -12.28
C THR C 85 2.74 33.51 -11.87
N ASP C 86 3.48 32.41 -11.75
CA ASP C 86 2.85 31.15 -11.36
C ASP C 86 3.97 30.15 -11.09
N PHE C 87 3.61 29.05 -10.41
CA PHE C 87 4.58 27.99 -10.19
C PHE C 87 3.84 26.67 -9.95
N ARG C 88 4.56 25.59 -10.17
CA ARG C 88 4.12 24.23 -9.91
C ARG C 88 4.56 23.82 -8.51
N THR C 89 3.69 23.13 -7.80
CA THR C 89 4.12 22.63 -6.50
C THR C 89 3.33 21.38 -6.17
N SER C 90 3.97 20.50 -5.41
CA SER C 90 3.31 19.31 -4.90
C SER C 90 1.98 19.65 -4.25
N ALA C 91 0.94 18.89 -4.59
CA ALA C 91 -0.37 19.12 -3.99
C ALA C 91 -0.37 18.89 -2.47
N ALA C 92 0.62 18.19 -1.92
CA ALA C 92 0.73 18.10 -0.47
C ALA C 92 1.21 19.40 0.17
N ASP C 93 1.86 20.29 -0.57
CA ASP C 93 2.28 21.56 0.02
C ASP C 93 1.11 22.51 0.28
N ILE C 94 -0.08 22.24 -0.24
CA ILE C 94 -1.18 23.19 -0.18
C ILE C 94 -2.44 22.48 0.29
N TRP C 95 -3.40 23.28 0.75
CA TRP C 95 -4.74 22.76 1.00
C TRP C 95 -5.41 22.36 -0.31
N THR C 96 -6.13 21.25 -0.29
CA THR C 96 -6.87 20.81 -1.47
C THR C 96 -8.26 20.38 -1.02
N PRO C 97 -9.28 20.59 -1.87
CA PRO C 97 -10.64 20.23 -1.46
C PRO C 97 -10.85 18.72 -1.44
N ASP C 98 -11.78 18.29 -0.58
CA ASP C 98 -12.03 16.86 -0.36
C ASP C 98 -13.12 16.34 -1.29
N ILE C 99 -12.95 16.59 -2.59
CA ILE C 99 -13.94 16.19 -3.56
C ILE C 99 -13.91 14.69 -3.75
N THR C 100 -15.07 14.07 -3.62
CA THR C 100 -15.21 12.63 -3.53
C THR C 100 -16.37 12.18 -4.39
N ALA C 101 -16.20 11.04 -5.07
CA ALA C 101 -17.34 10.33 -5.64
C ALA C 101 -18.21 9.76 -4.53
N TYR C 102 -19.52 9.92 -4.65
CA TYR C 102 -20.41 9.51 -3.57
C TYR C 102 -20.85 8.06 -3.66
N SER C 103 -20.54 7.37 -4.75
CA SER C 103 -20.96 5.99 -4.94
C SER C 103 -19.86 5.14 -5.55
N SER C 104 -18.61 5.41 -5.20
CA SER C 104 -17.51 4.51 -5.56
C SER C 104 -17.68 3.18 -4.83
N THR C 105 -17.14 2.11 -5.43
CA THR C 105 -17.11 0.79 -4.81
C THR C 105 -15.71 0.30 -4.49
N ARG C 106 -14.67 1.06 -4.84
CA ARG C 106 -13.25 0.74 -4.59
C ARG C 106 -12.55 2.07 -4.39
N PRO C 107 -11.47 2.12 -3.61
CA PRO C 107 -10.80 3.41 -3.45
C PRO C 107 -10.36 3.93 -4.82
N VAL C 108 -10.54 5.22 -5.05
CA VAL C 108 -10.16 5.78 -6.36
C VAL C 108 -8.66 5.64 -6.54
N GLN C 109 -8.21 5.36 -7.77
CA GLN C 109 -6.78 5.21 -8.05
C GLN C 109 -6.29 6.39 -8.86
N VAL C 110 -5.23 7.04 -8.39
CA VAL C 110 -4.70 8.24 -9.02
C VAL C 110 -3.67 7.83 -10.08
N LEU C 111 -3.80 8.41 -11.26
CA LEU C 111 -2.99 8.01 -12.39
C LEU C 111 -1.95 9.04 -12.79
N SER C 112 -1.97 10.21 -12.19
CA SER C 112 -1.14 11.33 -12.61
C SER C 112 -0.41 11.90 -11.40
N PRO C 113 0.70 12.60 -11.62
CA PRO C 113 1.43 13.25 -10.52
C PRO C 113 0.53 14.19 -9.74
N GLN C 114 0.71 14.22 -8.42
CA GLN C 114 -0.07 15.08 -7.54
C GLN C 114 0.60 16.44 -7.43
N ILE C 115 0.45 17.24 -8.48
CA ILE C 115 1.12 18.53 -8.62
C ILE C 115 0.08 19.56 -9.09
N ALA C 116 0.05 20.72 -8.44
CA ALA C 116 -0.85 21.81 -8.79
C ALA C 116 -0.07 23.00 -9.32
N VAL C 117 -0.81 23.88 -9.99
CA VAL C 117 -0.28 25.13 -10.52
C VAL C 117 -0.94 26.27 -9.76
N VAL C 118 -0.12 27.08 -9.10
CA VAL C 118 -0.57 28.23 -8.33
C VAL C 118 -0.20 29.49 -9.12
N THR C 119 -1.17 30.38 -9.29
CA THR C 119 -0.96 31.63 -10.03
C THR C 119 -0.99 32.81 -9.06
N HIS C 120 -0.37 33.92 -9.48
CA HIS C 120 -0.08 35.02 -8.57
C HIS C 120 -1.34 35.66 -7.98
N ASP C 121 -2.46 35.55 -8.67
CA ASP C 121 -3.73 36.04 -8.12
C ASP C 121 -4.31 35.11 -7.07
N GLY C 122 -3.58 34.07 -6.65
CA GLY C 122 -4.05 33.14 -5.63
C GLY C 122 -4.90 32.00 -6.14
N SER C 123 -5.10 31.87 -7.44
CA SER C 123 -5.89 30.76 -7.96
C SER C 123 -5.03 29.51 -8.08
N VAL C 124 -5.67 28.36 -7.92
CA VAL C 124 -5.01 27.05 -7.98
C VAL C 124 -5.73 26.21 -9.01
N MET C 125 -4.97 25.47 -9.81
CA MET C 125 -5.51 24.46 -10.70
C MET C 125 -4.86 23.12 -10.42
N PHE C 126 -5.68 22.09 -10.33
CA PHE C 126 -5.26 20.75 -9.95
C PHE C 126 -6.10 19.79 -10.77
N ILE C 127 -5.46 18.91 -11.54
CA ILE C 127 -6.19 18.09 -12.49
C ILE C 127 -5.69 16.65 -12.38
N PRO C 128 -6.11 15.94 -11.33
CA PRO C 128 -5.75 14.52 -11.20
C PRO C 128 -6.51 13.65 -12.21
N ALA C 129 -5.75 12.80 -12.90
CA ALA C 129 -6.34 11.68 -13.62
C ALA C 129 -6.63 10.54 -12.66
N GLN C 130 -7.78 9.91 -12.83
CA GLN C 130 -8.26 8.92 -11.87
C GLN C 130 -8.90 7.76 -12.60
N ARG C 131 -8.80 6.57 -12.01
CA ARG C 131 -9.63 5.45 -12.40
C ARG C 131 -10.57 5.15 -11.24
N LEU C 132 -11.87 5.07 -11.56
CA LEU C 132 -12.93 4.92 -10.57
C LEU C 132 -13.84 3.73 -10.89
N SER C 133 -14.10 2.84 -9.90
CA SER C 133 -15.20 1.89 -10.00
C SER C 133 -16.39 2.47 -9.23
N PHE C 134 -17.56 2.48 -9.86
CA PHE C 134 -18.73 3.05 -9.18
C PHE C 134 -19.98 2.25 -9.53
N MET C 135 -21.02 2.52 -8.75
CA MET C 135 -22.26 1.75 -8.82
C MET C 135 -23.01 2.10 -10.10
N CYS C 136 -23.21 1.11 -10.95
CA CYS C 136 -23.79 1.35 -12.26
C CYS C 136 -24.27 0.04 -12.83
N ASP C 137 -25.54 0.02 -13.22
CA ASP C 137 -26.18 -1.15 -13.80
C ASP C 137 -26.04 -1.03 -15.31
N PRO C 138 -25.24 -1.86 -15.98
CA PRO C 138 -25.04 -1.67 -17.42
C PRO C 138 -26.09 -2.34 -18.30
N THR C 139 -27.20 -2.80 -17.71
CA THR C 139 -28.30 -3.37 -18.50
C THR C 139 -28.63 -2.46 -19.68
N GLY C 140 -28.67 -3.08 -20.87
CA GLY C 140 -28.97 -2.33 -22.06
C GLY C 140 -27.76 -1.79 -22.80
N VAL C 141 -26.56 -2.04 -22.29
CA VAL C 141 -25.36 -1.54 -22.96
C VAL C 141 -25.18 -2.24 -24.31
N ASP C 142 -25.71 -3.45 -24.45
CA ASP C 142 -25.69 -4.24 -25.68
C ASP C 142 -26.86 -3.91 -26.60
N SER C 143 -27.27 -2.65 -26.65
CA SER C 143 -28.43 -2.26 -27.42
C SER C 143 -28.17 -0.87 -27.97
N GLU C 144 -28.99 -0.47 -28.95
CA GLU C 144 -28.78 0.81 -29.60
C GLU C 144 -29.02 1.98 -28.65
N GLU C 145 -29.93 1.81 -27.69
CA GLU C 145 -30.23 2.88 -26.73
C GLU C 145 -29.16 2.99 -25.66
N GLY C 146 -28.47 1.89 -25.37
CA GLY C 146 -27.38 1.91 -24.41
C GLY C 146 -27.87 1.90 -22.98
N ALA C 147 -26.90 2.03 -22.08
CA ALA C 147 -27.15 2.08 -20.65
C ALA C 147 -26.88 3.50 -20.18
N THR C 148 -27.44 3.84 -19.02
CA THR C 148 -27.25 5.15 -18.43
C THR C 148 -26.83 4.96 -16.97
N CYS C 149 -25.83 5.71 -16.54
CA CYS C 149 -25.38 5.68 -15.16
C CYS C 149 -24.99 7.07 -14.72
N ALA C 150 -24.98 7.27 -13.41
CA ALA C 150 -24.73 8.57 -12.80
C ALA C 150 -23.86 8.40 -11.58
N VAL C 151 -22.98 9.36 -11.34
CA VAL C 151 -22.23 9.40 -10.10
C VAL C 151 -22.08 10.85 -9.70
N LYS C 152 -22.33 11.10 -8.43
CA LYS C 152 -22.21 12.44 -7.86
C LYS C 152 -20.84 12.65 -7.28
N PHE C 153 -20.35 13.87 -7.43
CA PHE C 153 -19.09 14.31 -6.86
C PHE C 153 -19.35 15.52 -5.99
N GLY C 154 -18.68 15.58 -4.85
CA GLY C 154 -18.82 16.70 -3.96
C GLY C 154 -17.89 16.54 -2.78
N SER C 155 -17.89 17.56 -1.91
CA SER C 155 -17.16 17.50 -0.66
C SER C 155 -17.71 16.36 0.19
N TRP C 156 -16.82 15.67 0.92
CA TRP C 156 -17.33 14.64 1.84
C TRP C 156 -17.81 15.27 3.15
N VAL C 157 -17.14 16.31 3.64
CA VAL C 157 -17.40 16.80 4.99
C VAL C 157 -17.84 18.26 5.05
N TYR C 158 -17.80 19.02 3.96
CA TYR C 158 -18.20 20.43 4.00
C TYR C 158 -19.58 20.59 3.36
N SER C 159 -20.41 21.43 3.96
CA SER C 159 -21.69 21.76 3.34
C SER C 159 -21.51 22.91 2.38
N GLY C 160 -22.59 23.26 1.68
CA GLY C 160 -22.60 24.43 0.81
C GLY C 160 -22.22 25.72 1.50
N PHE C 161 -22.32 25.78 2.83
CA PHE C 161 -21.95 26.98 3.57
C PHE C 161 -20.44 27.20 3.57
N GLU C 162 -19.65 26.14 3.41
CA GLU C 162 -18.19 26.25 3.41
C GLU C 162 -17.59 26.10 2.03
N ILE C 163 -18.10 25.18 1.22
CA ILE C 163 -17.61 24.94 -0.14
C ILE C 163 -18.83 24.94 -1.05
N ASP C 164 -18.92 25.92 -1.92
CA ASP C 164 -19.89 25.87 -3.00
C ASP C 164 -19.20 25.36 -4.27
N LEU C 165 -19.94 24.68 -5.12
CA LEU C 165 -19.40 24.08 -6.33
C LEU C 165 -19.94 24.83 -7.52
N LYS C 166 -19.07 25.03 -8.51
CA LYS C 166 -19.45 25.62 -9.78
C LYS C 166 -18.91 24.73 -10.89
N THR C 167 -19.47 24.90 -12.08
CA THR C 167 -18.90 24.34 -13.29
C THR C 167 -18.75 25.47 -14.30
N ASP C 168 -17.95 25.21 -15.34
CA ASP C 168 -17.82 26.11 -16.49
C ASP C 168 -18.68 25.68 -17.66
N THR C 169 -19.26 24.47 -17.60
CA THR C 169 -20.03 23.89 -18.68
C THR C 169 -20.87 22.76 -18.12
N ASP C 170 -21.99 22.48 -18.79
CA ASP C 170 -22.84 21.34 -18.44
C ASP C 170 -22.46 20.08 -19.19
N GLN C 171 -21.56 20.16 -20.15
CA GLN C 171 -21.20 19.02 -20.96
C GLN C 171 -19.82 18.52 -20.55
N VAL C 172 -19.73 17.20 -20.37
CA VAL C 172 -18.44 16.56 -20.12
C VAL C 172 -17.60 16.64 -21.38
N ASP C 173 -16.32 16.99 -21.21
CA ASP C 173 -15.34 17.04 -22.32
C ASP C 173 -14.99 15.62 -22.79
N LEU C 174 -15.40 15.29 -24.02
CA LEU C 174 -15.14 14.02 -24.68
C LEU C 174 -14.08 14.10 -25.76
N SER C 175 -13.41 15.24 -25.88
CA SER C 175 -12.43 15.42 -26.94
C SER C 175 -11.21 14.56 -26.80
N SER C 176 -10.99 13.95 -25.62
CA SER C 176 -9.91 12.99 -25.44
C SER C 176 -10.41 11.56 -25.22
N TYR C 177 -11.69 11.29 -25.49
CA TYR C 177 -12.22 9.96 -25.23
C TYR C 177 -11.58 8.95 -26.18
N TYR C 178 -11.20 7.80 -25.61
CA TYR C 178 -10.47 6.78 -26.36
C TYR C 178 -11.32 6.24 -27.51
N ALA C 179 -10.82 6.43 -28.74
CA ALA C 179 -11.61 6.09 -29.91
C ALA C 179 -11.81 4.59 -30.09
N SER C 180 -10.94 3.73 -29.55
CA SER C 180 -11.15 2.28 -29.69
C SER C 180 -11.56 1.62 -28.38
N SER C 181 -12.14 2.38 -27.46
CA SER C 181 -12.73 1.82 -26.25
C SER C 181 -13.73 0.73 -26.59
N LYS C 182 -13.95 -0.20 -25.67
CA LYS C 182 -15.03 -1.16 -25.83
C LYS C 182 -16.40 -0.50 -25.81
N TYR C 183 -16.51 0.71 -25.29
CA TYR C 183 -17.79 1.38 -25.11
C TYR C 183 -17.73 2.73 -25.81
N GLU C 184 -18.79 3.06 -26.56
CA GLU C 184 -18.90 4.39 -27.11
C GLU C 184 -19.87 5.22 -26.28
N ILE C 185 -19.62 6.53 -26.26
CA ILE C 185 -20.36 7.47 -25.44
C ILE C 185 -21.45 8.08 -26.30
N LEU C 186 -22.71 8.00 -25.84
CA LEU C 186 -23.85 8.63 -26.47
C LEU C 186 -24.12 10.03 -25.94
N SER C 187 -23.97 10.23 -24.63
CA SER C 187 -23.90 11.57 -24.03
C SER C 187 -23.21 11.50 -22.68
N ALA C 188 -22.68 12.64 -22.26
CA ALA C 188 -22.04 12.79 -20.96
C ALA C 188 -22.27 14.21 -20.49
N THR C 189 -22.99 14.36 -19.38
CA THR C 189 -23.31 15.66 -18.79
C THR C 189 -22.83 15.73 -17.34
N GLN C 190 -22.67 16.95 -16.86
CA GLN C 190 -22.12 17.24 -15.53
C GLN C 190 -22.89 18.41 -14.89
N TYR C 191 -24.21 18.24 -14.76
CA TYR C 191 -25.05 19.24 -14.12
C TYR C 191 -24.78 19.35 -12.63
N LYS C 192 -24.79 20.59 -12.13
CA LYS C 192 -24.66 20.87 -10.71
C LYS C 192 -26.02 20.77 -10.04
N HIS C 193 -26.06 20.21 -8.84
CA HIS C 193 -27.31 20.02 -8.10
C HIS C 193 -27.11 20.45 -6.65
N ASP C 194 -28.18 21.02 -6.08
CA ASP C 194 -28.21 21.41 -4.68
C ASP C 194 -29.30 20.63 -3.96
N ILE C 195 -28.97 20.11 -2.80
CA ILE C 195 -29.88 19.30 -2.04
C ILE C 195 -29.96 19.85 -0.61
N GLU C 201 -30.31 22.34 7.84
CA GLU C 201 -30.32 23.77 7.52
C GLU C 201 -29.45 24.10 6.30
N GLU C 202 -28.29 23.44 6.19
CA GLU C 202 -27.31 23.76 5.15
C GLU C 202 -27.65 23.05 3.84
N ILE C 203 -27.34 23.73 2.73
CA ILE C 203 -27.49 23.14 1.41
C ILE C 203 -26.26 22.29 1.10
N TYR C 204 -26.45 21.20 0.37
CA TYR C 204 -25.35 20.31 -0.02
C TYR C 204 -25.19 20.21 -1.53
N PRO C 205 -24.20 20.87 -2.11
CA PRO C 205 -24.04 20.84 -3.57
C PRO C 205 -23.27 19.63 -4.07
N ASP C 206 -23.56 19.25 -5.32
CA ASP C 206 -22.81 18.21 -6.00
C ASP C 206 -22.74 18.56 -7.48
N VAL C 207 -21.85 17.87 -8.18
CA VAL C 207 -21.82 17.83 -9.63
C VAL C 207 -22.01 16.37 -9.99
N VAL C 208 -23.06 16.09 -10.75
CA VAL C 208 -23.43 14.73 -11.11
C VAL C 208 -22.99 14.45 -12.53
N LEU C 209 -22.14 13.46 -12.68
CA LEU C 209 -21.75 12.93 -13.97
C LEU C 209 -22.79 11.90 -14.41
N VAL C 210 -23.53 12.20 -15.50
CA VAL C 210 -24.49 11.27 -16.08
C VAL C 210 -23.97 10.83 -17.46
N VAL C 211 -23.73 9.53 -17.64
CA VAL C 211 -23.18 9.00 -18.90
C VAL C 211 -24.13 7.98 -19.50
N LYS C 212 -24.41 8.13 -20.80
CA LYS C 212 -25.12 7.12 -21.59
C LYS C 212 -24.13 6.53 -22.57
N PHE C 213 -24.06 5.20 -22.61
CA PHE C 213 -23.01 4.53 -23.35
C PHE C 213 -23.51 3.18 -23.81
N ARG C 214 -22.83 2.63 -24.81
CA ARG C 214 -23.20 1.33 -25.36
C ARG C 214 -21.95 0.66 -25.88
N GLU C 215 -22.05 -0.66 -26.06
CA GLU C 215 -20.95 -1.40 -26.64
C GLU C 215 -20.72 -0.89 -28.06
N ARG C 216 -19.45 -0.67 -28.41
CA ARG C 216 -19.06 -0.08 -29.70
C ARG C 216 -19.60 -0.87 -30.90
N SER D 11 37.29 8.57 1.96
CA SER D 11 36.40 8.58 0.80
C SER D 11 34.94 8.65 1.23
N GLN D 12 34.58 7.84 2.23
CA GLN D 12 33.22 7.91 2.76
C GLN D 12 32.91 9.29 3.34
N ALA D 13 33.86 9.87 4.07
CA ALA D 13 33.65 11.20 4.62
C ALA D 13 33.54 12.23 3.51
N ASN D 14 34.32 12.06 2.44
CA ASN D 14 34.21 13.00 1.32
C ASN D 14 32.86 12.90 0.65
N LEU D 15 32.32 11.69 0.52
CA LEU D 15 31.00 11.52 -0.09
C LEU D 15 29.91 12.06 0.82
N MET D 16 29.96 11.72 2.11
CA MET D 16 28.99 12.27 3.04
C MET D 16 29.04 13.78 3.05
N ARG D 17 30.25 14.35 2.96
CA ARG D 17 30.39 15.81 2.96
C ARG D 17 29.85 16.42 1.67
N LEU D 18 30.04 15.72 0.55
CA LEU D 18 29.45 16.16 -0.71
C LEU D 18 27.92 16.20 -0.60
N LYS D 19 27.31 15.12 -0.13
CA LYS D 19 25.85 15.06 -0.08
C LYS D 19 25.30 16.10 0.87
N SER D 20 26.00 16.36 1.99
CA SER D 20 25.53 17.39 2.90
C SER D 20 25.56 18.76 2.23
N ASP D 21 26.65 19.06 1.50
CA ASP D 21 26.76 20.32 0.80
C ASP D 21 25.65 20.46 -0.26
N LEU D 22 25.34 19.37 -0.95
CA LEU D 22 24.26 19.36 -1.92
C LEU D 22 22.93 19.22 -1.18
N TYR D 29 15.74 22.32 -4.80
CA TYR D 29 15.48 22.74 -6.17
C TYR D 29 13.96 22.80 -6.39
N PRO D 30 13.43 23.97 -6.74
CA PRO D 30 11.98 24.12 -6.91
C PRO D 30 11.46 23.69 -8.28
N GLY D 31 12.25 23.02 -9.09
CA GLY D 31 11.80 22.63 -10.41
C GLY D 31 12.05 23.72 -11.44
N PRO D 32 11.93 23.36 -12.71
CA PRO D 32 12.20 24.32 -13.79
C PRO D 32 11.12 25.35 -13.98
N THR D 33 11.50 26.42 -14.68
CA THR D 33 10.58 27.49 -15.03
C THR D 33 10.96 28.00 -16.41
N LYS D 34 10.10 28.89 -16.94
CA LYS D 34 10.35 29.50 -18.23
C LYS D 34 11.72 30.17 -18.29
N ASP D 35 12.15 30.76 -17.17
CA ASP D 35 13.44 31.44 -17.07
C ASP D 35 14.58 30.49 -16.71
N ASP D 36 14.27 29.26 -16.31
CA ASP D 36 15.26 28.26 -15.94
C ASP D 36 14.77 26.91 -16.45
N PRO D 37 14.71 26.73 -17.77
CA PRO D 37 14.12 25.52 -18.35
C PRO D 37 15.10 24.35 -18.31
N LEU D 38 14.53 23.16 -18.47
CA LEU D 38 15.27 21.92 -18.36
C LEU D 38 14.93 21.03 -19.55
N THR D 39 15.90 20.27 -20.02
CA THR D 39 15.66 19.24 -21.03
C THR D 39 15.77 17.85 -20.39
N VAL D 40 14.78 17.00 -20.63
CA VAL D 40 14.78 15.62 -20.15
C VAL D 40 14.89 14.73 -21.37
N THR D 41 15.93 13.90 -21.42
CA THR D 41 16.06 12.88 -22.44
C THR D 41 15.38 11.60 -21.97
N LEU D 42 14.57 11.01 -22.84
CA LEU D 42 13.75 9.84 -22.53
C LEU D 42 14.04 8.74 -23.53
N GLY D 43 14.09 7.51 -23.04
CA GLY D 43 14.15 6.34 -23.90
C GLY D 43 13.55 5.12 -23.23
N PHE D 44 12.99 4.22 -24.04
CA PHE D 44 12.36 3.01 -23.55
C PHE D 44 13.13 1.76 -23.96
N THR D 45 13.27 0.84 -23.01
CA THR D 45 13.66 -0.54 -23.27
C THR D 45 12.45 -1.40 -22.98
N LEU D 46 11.89 -2.00 -24.02
CA LEU D 46 10.66 -2.77 -23.89
C LEU D 46 11.04 -4.22 -23.58
N GLN D 47 10.63 -4.70 -22.42
CA GLN D 47 11.01 -6.01 -21.95
C GLN D 47 9.96 -7.09 -22.23
N ASP D 48 8.68 -6.75 -22.23
CA ASP D 48 7.65 -7.77 -22.34
C ASP D 48 6.31 -7.10 -22.60
N ILE D 49 5.56 -7.66 -23.53
CA ILE D 49 4.12 -7.45 -23.57
C ILE D 49 3.56 -8.65 -22.80
N VAL D 50 3.05 -8.38 -21.60
CA VAL D 50 2.63 -9.47 -20.71
C VAL D 50 1.24 -9.96 -21.07
N LYS D 51 0.30 -9.05 -21.24
CA LYS D 51 -1.09 -9.37 -21.38
C LYS D 51 -1.77 -8.36 -22.28
N ALA D 52 -2.71 -8.87 -23.09
CA ALA D 52 -3.53 -8.07 -23.98
C ALA D 52 -4.96 -8.49 -23.73
N ASP D 53 -5.77 -7.58 -23.21
CA ASP D 53 -7.09 -7.93 -22.68
C ASP D 53 -8.11 -7.36 -23.65
N SER D 54 -8.73 -8.23 -24.46
CA SER D 54 -9.68 -7.76 -25.45
C SER D 54 -11.06 -7.53 -24.86
N SER D 55 -11.31 -7.92 -23.61
CA SER D 55 -12.60 -7.62 -22.99
C SER D 55 -12.66 -6.20 -22.45
N THR D 56 -11.51 -5.57 -22.19
CA THR D 56 -11.45 -4.18 -21.73
C THR D 56 -10.62 -3.26 -22.61
N ASN D 57 -9.89 -3.80 -23.58
CA ASN D 57 -8.96 -3.05 -24.42
C ASN D 57 -7.92 -2.33 -23.56
N GLU D 58 -7.24 -3.16 -22.74
CA GLU D 58 -6.07 -2.77 -21.97
C GLU D 58 -4.96 -3.71 -22.36
N VAL D 59 -3.78 -3.16 -22.57
CA VAL D 59 -2.58 -3.96 -22.76
C VAL D 59 -1.58 -3.61 -21.67
N ASP D 60 -0.81 -4.62 -21.24
CA ASP D 60 0.13 -4.51 -20.12
C ASP D 60 1.55 -4.70 -20.62
N LEU D 61 2.37 -3.67 -20.46
CA LEU D 61 3.77 -3.68 -20.84
C LEU D 61 4.67 -3.62 -19.61
N VAL D 62 5.82 -4.25 -19.72
CA VAL D 62 6.94 -4.05 -18.82
C VAL D 62 8.11 -3.41 -19.59
N TYR D 63 8.61 -2.28 -19.09
CA TYR D 63 9.70 -1.60 -19.77
C TYR D 63 10.59 -0.92 -18.75
N TRP D 64 11.77 -0.49 -19.20
CA TRP D 64 12.62 0.40 -18.44
C TRP D 64 12.58 1.78 -19.09
N GLU D 65 12.31 2.81 -18.28
CA GLU D 65 12.17 4.19 -18.78
C GLU D 65 13.41 4.97 -18.36
N GLN D 66 14.32 5.18 -19.33
CA GLN D 66 15.55 5.90 -19.03
C GLN D 66 15.28 7.40 -19.08
N GLN D 67 15.58 8.09 -17.98
CA GLN D 67 15.41 9.53 -17.85
C GLN D 67 16.76 10.15 -17.53
N ARG D 68 17.11 11.23 -18.22
CA ARG D 68 18.35 11.95 -17.94
C ARG D 68 18.09 13.45 -18.04
N TRP D 69 18.62 14.19 -17.08
CA TRP D 69 18.58 15.64 -17.09
C TRP D 69 19.82 16.17 -16.35
N LYS D 70 20.00 17.49 -16.37
CA LYS D 70 21.16 18.11 -15.74
C LYS D 70 20.74 19.37 -15.00
N LEU D 71 21.27 19.54 -13.79
CA LEU D 71 21.03 20.73 -12.98
C LEU D 71 22.35 21.38 -12.61
N ASN D 72 22.43 22.70 -12.77
CA ASN D 72 23.59 23.43 -12.29
C ASN D 72 23.73 23.32 -10.78
N SER D 73 22.61 23.22 -10.06
CA SER D 73 22.68 23.12 -8.61
C SER D 73 23.22 21.76 -8.11
N LEU D 74 23.50 20.81 -8.99
CA LEU D 74 24.06 19.53 -8.57
C LEU D 74 25.52 19.36 -9.01
N MET D 75 26.16 20.42 -9.50
CA MET D 75 27.53 20.32 -9.94
C MET D 75 28.49 20.43 -8.75
N TRP D 76 29.65 19.78 -8.89
CA TRP D 76 30.71 19.94 -7.91
C TRP D 76 32.05 19.69 -8.60
N ASP D 77 33.10 20.29 -8.03
CA ASP D 77 34.45 19.97 -8.48
C ASP D 77 34.89 18.67 -7.83
N PRO D 78 35.19 17.62 -8.59
CA PRO D 78 35.68 16.38 -7.94
C PRO D 78 36.95 16.58 -7.11
N ASN D 79 37.85 17.48 -7.54
CA ASN D 79 39.08 17.73 -6.78
C ASN D 79 38.77 18.27 -5.39
N GLU D 80 37.64 18.97 -5.24
CA GLU D 80 37.22 19.47 -3.94
C GLU D 80 36.60 18.38 -3.06
N TYR D 81 36.34 17.19 -3.57
CA TYR D 81 35.66 16.13 -2.81
C TYR D 81 36.30 14.78 -3.07
N GLY D 82 37.62 14.71 -2.92
CA GLY D 82 38.32 13.43 -2.97
C GLY D 82 38.27 12.72 -4.29
N ASN D 83 38.15 13.46 -5.39
CA ASN D 83 38.10 12.90 -6.73
C ASN D 83 36.83 12.07 -6.98
N ILE D 84 35.78 12.28 -6.19
CA ILE D 84 34.48 11.64 -6.44
C ILE D 84 33.87 12.24 -7.70
N THR D 85 33.46 11.37 -8.63
CA THR D 85 32.84 11.80 -9.88
C THR D 85 31.34 11.55 -9.96
N ASP D 86 30.79 10.62 -9.18
CA ASP D 86 29.36 10.32 -9.21
C ASP D 86 28.97 9.70 -7.87
N PHE D 87 27.65 9.56 -7.65
CA PHE D 87 27.17 8.83 -6.49
C PHE D 87 25.70 8.43 -6.69
N ARG D 88 25.27 7.49 -5.87
CA ARG D 88 23.90 7.00 -5.91
C ARG D 88 23.10 7.61 -4.77
N THR D 89 21.85 7.96 -5.05
CA THR D 89 21.03 8.59 -4.02
C THR D 89 19.57 8.22 -4.23
N SER D 90 18.81 8.19 -3.13
CA SER D 90 17.37 8.02 -3.21
C SER D 90 16.76 9.05 -4.17
N ALA D 91 15.93 8.57 -5.09
CA ALA D 91 15.20 9.50 -5.95
C ALA D 91 14.31 10.44 -5.14
N ALA D 92 14.02 10.12 -3.86
CA ALA D 92 13.34 11.09 -2.99
C ALA D 92 14.26 12.21 -2.50
N ASP D 93 15.58 12.03 -2.52
CA ASP D 93 16.47 13.11 -2.12
C ASP D 93 16.59 14.22 -3.17
N ILE D 94 16.06 14.01 -4.40
CA ILE D 94 16.23 14.94 -5.50
C ILE D 94 14.90 15.21 -6.21
N TRP D 95 14.88 16.34 -6.92
CA TRP D 95 13.76 16.61 -7.82
C TRP D 95 13.80 15.63 -8.98
N THR D 96 12.64 15.14 -9.39
CA THR D 96 12.56 14.26 -10.54
C THR D 96 11.43 14.73 -11.44
N PRO D 97 11.57 14.56 -12.75
CA PRO D 97 10.53 15.04 -13.67
C PRO D 97 9.26 14.23 -13.59
N ASP D 98 8.15 14.91 -13.85
CA ASP D 98 6.82 14.30 -13.69
C ASP D 98 6.37 13.62 -14.99
N ILE D 99 7.25 12.78 -15.54
CA ILE D 99 6.96 12.13 -16.81
C ILE D 99 5.89 11.07 -16.58
N THR D 100 4.80 11.17 -17.34
CA THR D 100 3.58 10.41 -17.14
C THR D 100 3.10 9.81 -18.46
N ALA D 101 2.56 8.58 -18.41
CA ALA D 101 1.81 8.04 -19.53
C ALA D 101 0.44 8.71 -19.62
N TYR D 102 0.03 9.12 -20.81
CA TYR D 102 -1.20 9.93 -20.89
C TYR D 102 -2.45 9.09 -21.04
N SER D 103 -2.34 7.78 -21.19
CA SER D 103 -3.52 6.94 -21.35
C SER D 103 -3.41 5.65 -20.55
N SER D 104 -2.78 5.72 -19.37
CA SER D 104 -2.79 4.58 -18.48
C SER D 104 -4.21 4.33 -17.97
N THR D 105 -4.46 3.09 -17.53
CA THR D 105 -5.74 2.74 -16.93
C THR D 105 -5.60 2.26 -15.49
N ARG D 106 -4.38 2.03 -15.01
CA ARG D 106 -4.06 1.67 -13.63
C ARG D 106 -2.83 2.43 -13.20
N PRO D 107 -2.64 2.65 -11.89
CA PRO D 107 -1.37 3.24 -11.45
C PRO D 107 -0.24 2.38 -11.95
N VAL D 108 0.83 3.03 -12.40
CA VAL D 108 1.99 2.27 -12.86
C VAL D 108 2.60 1.56 -11.66
N GLN D 109 3.10 0.35 -11.88
CA GLN D 109 3.76 -0.42 -10.84
C GLN D 109 5.26 -0.35 -11.04
N VAL D 110 5.95 0.06 -10.00
CA VAL D 110 7.39 0.29 -10.04
C VAL D 110 8.10 -1.01 -9.69
N LEU D 111 8.99 -1.42 -10.56
CA LEU D 111 9.62 -2.72 -10.46
C LEU D 111 11.08 -2.67 -10.07
N SER D 112 11.67 -1.50 -9.96
CA SER D 112 13.07 -1.37 -9.61
C SER D 112 13.24 -0.37 -8.48
N PRO D 113 14.37 -0.42 -7.78
CA PRO D 113 14.62 0.50 -6.66
C PRO D 113 14.61 1.95 -7.09
N GLN D 114 14.07 2.80 -6.22
CA GLN D 114 13.95 4.23 -6.52
C GLN D 114 15.24 4.95 -6.16
N ILE D 115 16.27 4.71 -7.01
CA ILE D 115 17.62 5.25 -6.82
C ILE D 115 18.09 5.86 -8.15
N ALA D 116 18.71 7.03 -8.06
CA ALA D 116 19.28 7.72 -9.22
C ALA D 116 20.78 7.88 -9.05
N VAL D 117 21.48 8.14 -10.16
CA VAL D 117 22.93 8.34 -10.15
C VAL D 117 23.18 9.78 -10.56
N VAL D 118 23.89 10.53 -9.71
CA VAL D 118 24.25 11.92 -9.97
C VAL D 118 25.73 11.98 -10.29
N THR D 119 26.08 12.78 -11.29
CA THR D 119 27.46 12.93 -11.74
C THR D 119 27.88 14.38 -11.54
N HIS D 120 29.19 14.61 -11.43
CA HIS D 120 29.71 15.92 -11.04
C HIS D 120 29.36 17.01 -12.04
N ASP D 121 29.11 16.67 -13.31
CA ASP D 121 28.63 17.70 -14.25
C ASP D 121 27.17 18.09 -14.00
N GLY D 122 26.54 17.67 -12.90
CA GLY D 122 25.16 18.00 -12.62
C GLY D 122 24.13 17.11 -13.28
N SER D 123 24.55 16.10 -14.03
CA SER D 123 23.62 15.23 -14.74
C SER D 123 23.08 14.14 -13.82
N VAL D 124 21.80 13.80 -14.01
CA VAL D 124 21.11 12.78 -13.22
C VAL D 124 20.62 11.71 -14.19
N MET D 125 20.84 10.45 -13.85
CA MET D 125 20.30 9.35 -14.61
C MET D 125 19.35 8.56 -13.70
N PHE D 126 18.15 8.27 -14.20
CA PHE D 126 17.13 7.56 -13.41
C PHE D 126 16.40 6.62 -14.36
N ILE D 127 16.39 5.32 -14.05
CA ILE D 127 15.85 4.31 -14.97
C ILE D 127 14.88 3.39 -14.24
N PRO D 128 13.68 3.87 -13.95
CA PRO D 128 12.63 3.03 -13.33
C PRO D 128 12.12 1.98 -14.29
N ALA D 129 12.15 0.72 -13.87
CA ALA D 129 11.42 -0.33 -14.55
C ALA D 129 9.98 -0.31 -14.04
N GLN D 130 9.05 -0.50 -14.96
CA GLN D 130 7.64 -0.26 -14.69
C GLN D 130 6.79 -1.30 -15.41
N ARG D 131 5.66 -1.64 -14.79
CA ARG D 131 4.56 -2.34 -15.46
C ARG D 131 3.41 -1.37 -15.63
N LEU D 132 2.96 -1.21 -16.88
CA LEU D 132 1.95 -0.25 -17.26
C LEU D 132 0.77 -0.93 -17.92
N SER D 133 -0.44 -0.64 -17.47
CA SER D 133 -1.65 -0.97 -18.21
C SER D 133 -2.12 0.29 -18.94
N PHE D 134 -2.36 0.18 -20.24
CA PHE D 134 -2.78 1.35 -21.01
C PHE D 134 -3.84 0.98 -22.05
N MET D 135 -4.48 2.02 -22.56
CA MET D 135 -5.61 1.88 -23.47
C MET D 135 -5.15 1.39 -24.84
N CYS D 136 -5.63 0.23 -25.25
CA CYS D 136 -5.12 -0.44 -26.44
C CYS D 136 -6.08 -1.51 -26.88
N ASP D 137 -6.54 -1.42 -28.13
CA ASP D 137 -7.43 -2.41 -28.72
C ASP D 137 -6.55 -3.45 -29.41
N PRO D 138 -6.52 -4.67 -28.93
CA PRO D 138 -5.62 -5.66 -29.53
C PRO D 138 -6.21 -6.41 -30.70
N THR D 139 -7.29 -5.90 -31.28
CA THR D 139 -7.83 -6.49 -32.50
C THR D 139 -6.71 -6.65 -33.54
N GLY D 140 -6.59 -7.87 -34.07
CA GLY D 140 -5.58 -8.19 -35.05
C GLY D 140 -4.34 -8.86 -34.51
N VAL D 141 -4.22 -8.97 -33.18
CA VAL D 141 -3.03 -9.58 -32.61
C VAL D 141 -2.92 -11.04 -33.03
N ASP D 142 -4.03 -11.67 -33.39
CA ASP D 142 -4.02 -13.06 -33.84
C ASP D 142 -3.86 -13.18 -35.34
N SER D 143 -3.24 -12.21 -35.99
CA SER D 143 -3.06 -12.19 -37.43
C SER D 143 -1.62 -11.83 -37.77
N GLU D 144 -1.25 -12.07 -39.03
CA GLU D 144 0.13 -11.84 -39.43
C GLU D 144 0.49 -10.36 -39.34
N GLU D 145 -0.47 -9.47 -39.59
CA GLU D 145 -0.22 -8.03 -39.53
C GLU D 145 -0.11 -7.51 -38.10
N GLY D 146 -0.65 -8.24 -37.11
CA GLY D 146 -0.56 -7.82 -35.73
C GLY D 146 -1.54 -6.72 -35.37
N ALA D 147 -1.45 -6.31 -34.11
CA ALA D 147 -2.16 -5.15 -33.59
C ALA D 147 -1.16 -4.02 -33.47
N THR D 148 -1.68 -2.79 -33.43
CA THR D 148 -0.88 -1.60 -33.21
C THR D 148 -1.48 -0.75 -32.09
N CYS D 149 -0.65 -0.37 -31.12
CA CYS D 149 -1.08 0.50 -30.05
C CYS D 149 -0.03 1.56 -29.75
N ALA D 150 -0.48 2.65 -29.15
CA ALA D 150 0.39 3.78 -28.88
C ALA D 150 0.03 4.40 -27.53
N VAL D 151 1.03 4.93 -26.85
CA VAL D 151 0.81 5.65 -25.62
C VAL D 151 1.78 6.82 -25.57
N LYS D 152 1.28 8.00 -25.27
CA LYS D 152 2.10 9.21 -25.19
C LYS D 152 2.65 9.39 -23.78
N PHE D 153 3.91 9.81 -23.70
CA PHE D 153 4.57 10.14 -22.45
C PHE D 153 5.01 11.59 -22.46
N GLY D 154 4.77 12.31 -21.37
CA GLY D 154 5.33 13.63 -21.22
C GLY D 154 5.05 14.14 -19.83
N SER D 155 5.41 15.40 -19.60
CA SER D 155 5.11 16.03 -18.33
C SER D 155 3.61 16.19 -18.18
N TRP D 156 3.10 15.99 -16.96
CA TRP D 156 1.68 16.19 -16.69
C TRP D 156 1.35 17.68 -16.56
N VAL D 157 2.25 18.46 -15.98
CA VAL D 157 1.94 19.83 -15.59
C VAL D 157 2.86 20.87 -16.20
N TYR D 158 3.97 20.50 -16.86
CA TYR D 158 4.89 21.49 -17.41
C TYR D 158 4.72 21.54 -18.93
N SER D 159 4.77 22.75 -19.48
CA SER D 159 4.82 22.90 -20.93
C SER D 159 6.27 22.85 -21.40
N GLY D 160 6.42 22.89 -22.74
CA GLY D 160 7.73 22.95 -23.38
C GLY D 160 8.57 24.13 -22.94
N PHE D 161 7.95 25.15 -22.36
CA PHE D 161 8.69 26.29 -21.82
C PHE D 161 9.45 25.96 -20.55
N GLU D 162 9.07 24.92 -19.83
CA GLU D 162 9.75 24.54 -18.59
C GLU D 162 10.52 23.25 -18.73
N ILE D 163 9.94 22.29 -19.43
CA ILE D 163 10.54 21.00 -19.69
C ILE D 163 10.44 20.73 -21.17
N ASP D 164 11.58 20.65 -21.83
CA ASP D 164 11.62 20.09 -23.18
C ASP D 164 12.05 18.64 -23.11
N LEU D 165 11.55 17.86 -24.05
CA LEU D 165 11.88 16.45 -24.16
C LEU D 165 12.84 16.20 -25.31
N LYS D 166 13.78 15.26 -25.12
CA LYS D 166 14.63 14.78 -26.19
C LYS D 166 14.70 13.27 -26.14
N THR D 167 15.10 12.68 -27.28
CA THR D 167 15.46 11.28 -27.36
C THR D 167 16.87 11.13 -27.94
N ASP D 168 17.54 10.03 -27.59
CA ASP D 168 18.80 9.65 -28.22
C ASP D 168 18.59 8.82 -29.47
N THR D 169 17.37 8.29 -29.65
CA THR D 169 17.02 7.43 -30.76
C THR D 169 15.52 7.40 -30.86
N ASP D 170 15.01 7.14 -32.06
CA ASP D 170 13.59 6.96 -32.27
C ASP D 170 13.20 5.49 -32.29
N GLN D 171 14.14 4.59 -32.09
CA GLN D 171 13.86 3.16 -32.07
C GLN D 171 13.87 2.68 -30.62
N VAL D 172 12.75 2.12 -30.16
CA VAL D 172 12.73 1.48 -28.85
C VAL D 172 13.79 0.39 -28.78
N ASP D 173 14.50 0.33 -27.66
CA ASP D 173 15.48 -0.72 -27.42
C ASP D 173 14.78 -2.04 -27.15
N LEU D 174 14.93 -2.98 -28.10
CA LEU D 174 14.35 -4.31 -28.02
C LEU D 174 15.39 -5.36 -27.64
N SER D 175 16.59 -4.92 -27.26
CA SER D 175 17.67 -5.84 -26.98
C SER D 175 17.40 -6.73 -25.76
N SER D 176 16.52 -6.31 -24.85
CA SER D 176 16.15 -7.13 -23.70
C SER D 176 14.74 -7.71 -23.79
N TYR D 177 14.08 -7.63 -24.95
CA TYR D 177 12.72 -8.15 -25.07
C TYR D 177 12.72 -9.64 -24.81
N TYR D 178 11.78 -10.09 -23.97
CA TYR D 178 11.72 -11.49 -23.58
C TYR D 178 11.37 -12.35 -24.79
N ALA D 179 12.27 -13.28 -25.13
CA ALA D 179 12.16 -13.99 -26.41
C ALA D 179 11.06 -15.02 -26.42
N SER D 180 10.61 -15.48 -25.25
CA SER D 180 9.48 -16.39 -25.17
C SER D 180 8.20 -15.74 -24.61
N SER D 181 8.07 -14.43 -24.77
CA SER D 181 6.83 -13.73 -24.51
C SER D 181 5.67 -14.32 -25.31
N LYS D 182 4.44 -14.13 -24.80
CA LYS D 182 3.26 -14.53 -25.56
C LYS D 182 3.11 -13.73 -26.84
N TYR D 183 3.77 -12.58 -26.91
CA TYR D 183 3.63 -11.66 -28.03
C TYR D 183 5.02 -11.35 -28.56
N GLU D 184 5.16 -11.34 -29.88
CA GLU D 184 6.42 -10.92 -30.48
C GLU D 184 6.27 -9.50 -31.05
N ILE D 185 7.37 -8.78 -31.07
CA ILE D 185 7.34 -7.38 -31.47
C ILE D 185 7.66 -7.27 -32.95
N LEU D 186 6.79 -6.62 -33.70
CA LEU D 186 7.02 -6.36 -35.11
C LEU D 186 7.72 -5.03 -35.34
N SER D 187 7.43 -4.03 -34.51
CA SER D 187 8.17 -2.78 -34.53
C SER D 187 7.81 -1.99 -33.28
N ALA D 188 8.75 -1.15 -32.84
CA ALA D 188 8.53 -0.32 -31.68
C ALA D 188 9.34 0.94 -31.83
N THR D 189 8.65 2.07 -31.84
CA THR D 189 9.26 3.37 -32.06
C THR D 189 8.87 4.30 -30.93
N GLN D 190 9.70 5.31 -30.73
CA GLN D 190 9.51 6.33 -29.70
C GLN D 190 9.76 7.72 -30.28
N TYR D 191 8.95 8.12 -31.26
CA TYR D 191 9.11 9.42 -31.90
C TYR D 191 8.69 10.54 -30.95
N LYS D 192 9.47 11.62 -30.97
CA LYS D 192 9.15 12.82 -30.23
C LYS D 192 8.33 13.77 -31.09
N HIS D 193 7.35 14.42 -30.48
CA HIS D 193 6.50 15.39 -31.16
C HIS D 193 6.43 16.68 -30.36
N ASP D 194 6.41 17.83 -31.05
CA ASP D 194 6.21 19.13 -30.42
C ASP D 194 4.90 19.72 -30.94
N ILE D 195 3.85 19.71 -30.11
CA ILE D 195 2.52 20.15 -30.53
C ILE D 195 2.32 21.60 -30.09
N LYS D 196 1.96 22.46 -31.05
CA LYS D 196 1.55 23.84 -30.80
C LYS D 196 0.06 23.92 -31.06
N TYR D 197 -0.71 24.22 -30.03
CA TYR D 197 -2.15 24.42 -30.20
C TYR D 197 -2.42 25.84 -30.65
N ASN D 198 -3.49 26.01 -31.45
CA ASN D 198 -3.77 27.33 -32.00
C ASN D 198 -3.98 28.35 -30.89
N CYS D 199 -4.61 27.92 -29.84
CA CYS D 199 -4.96 28.82 -28.72
C CYS D 199 -3.76 29.48 -27.96
N CYS D 200 -2.69 28.69 -27.69
CA CYS D 200 -1.55 29.04 -26.80
C CYS D 200 -0.22 29.15 -27.45
N GLU D 201 0.61 29.93 -26.84
CA GLU D 201 1.98 30.10 -27.33
C GLU D 201 2.89 28.94 -26.95
N GLU D 202 2.65 28.26 -25.84
CA GLU D 202 3.57 27.22 -25.37
C GLU D 202 3.53 25.99 -26.26
N ILE D 203 4.70 25.38 -26.51
CA ILE D 203 4.75 24.08 -27.18
C ILE D 203 4.58 22.99 -26.12
N TYR D 204 3.97 21.87 -26.53
CA TYR D 204 3.74 20.72 -25.66
C TYR D 204 4.42 19.48 -26.24
N PRO D 205 5.60 19.12 -25.75
CA PRO D 205 6.31 17.96 -26.28
C PRO D 205 5.80 16.65 -25.67
N ASP D 206 5.88 15.59 -26.47
CA ASP D 206 5.65 14.25 -25.98
C ASP D 206 6.61 13.30 -26.69
N VAL D 207 6.76 12.11 -26.12
CA VAL D 207 7.38 10.98 -26.80
C VAL D 207 6.34 9.88 -26.81
N VAL D 208 6.05 9.38 -28.00
CA VAL D 208 4.98 8.42 -28.19
C VAL D 208 5.61 7.08 -28.45
N LEU D 209 5.26 6.11 -27.60
CA LEU D 209 5.60 4.73 -27.79
C LEU D 209 4.57 4.10 -28.70
N VAL D 210 5.00 3.61 -29.85
CA VAL D 210 4.12 2.93 -30.81
C VAL D 210 4.63 1.50 -30.96
N VAL D 211 3.77 0.53 -30.65
CA VAL D 211 4.18 -0.87 -30.70
C VAL D 211 3.22 -1.64 -31.60
N LYS D 212 3.79 -2.41 -32.52
CA LYS D 212 3.06 -3.35 -33.36
C LYS D 212 3.50 -4.75 -32.97
N PHE D 213 2.54 -5.62 -32.68
CA PHE D 213 2.84 -6.88 -32.03
C PHE D 213 1.79 -7.93 -32.41
N ARG D 214 2.18 -9.19 -32.33
CA ARG D 214 1.26 -10.28 -32.59
C ARG D 214 1.60 -11.46 -31.71
N GLU D 215 0.63 -12.35 -31.55
CA GLU D 215 0.80 -13.56 -30.77
C GLU D 215 1.94 -14.40 -31.35
N ASP E 4 20.35 -11.42 38.72
CA ASP E 4 20.10 -11.78 37.32
C ASP E 4 19.18 -10.77 36.64
N ASP E 5 18.24 -10.16 37.37
CA ASP E 5 17.50 -9.03 36.81
C ASP E 5 18.44 -7.87 36.47
N ASP E 6 19.43 -7.62 37.32
CA ASP E 6 20.42 -6.57 37.04
C ASP E 6 21.22 -6.91 35.79
N ASP E 7 21.69 -8.15 35.69
CA ASP E 7 22.45 -8.59 34.52
C ASP E 7 21.64 -8.36 33.24
N LYS E 8 20.38 -8.77 33.23
CA LYS E 8 19.53 -8.45 32.09
C LYS E 8 19.57 -6.96 31.83
N LEU E 9 19.49 -6.16 32.89
CA LEU E 9 19.48 -4.71 32.72
C LEU E 9 20.76 -4.24 32.05
N HIS E 10 21.90 -4.84 32.42
CA HIS E 10 23.17 -4.35 31.89
C HIS E 10 23.35 -4.73 30.41
N SER E 11 22.94 -5.95 30.03
CA SER E 11 23.06 -6.32 28.63
C SER E 11 22.14 -5.49 27.73
N GLN E 12 20.93 -5.18 28.22
CA GLN E 12 20.05 -4.24 27.50
C GLN E 12 20.71 -2.89 27.31
N ALA E 13 21.30 -2.35 28.40
CA ALA E 13 21.98 -1.07 28.34
C ALA E 13 23.13 -1.12 27.35
N ASN E 14 23.92 -2.19 27.42
CA ASN E 14 25.04 -2.33 26.49
C ASN E 14 24.56 -2.37 25.04
N LEU E 15 23.44 -3.06 24.78
CA LEU E 15 22.94 -3.11 23.41
C LEU E 15 22.39 -1.76 22.97
N MET E 16 21.60 -1.10 23.84
CA MET E 16 21.11 0.24 23.51
C MET E 16 22.26 1.20 23.24
N ARG E 17 23.37 1.06 23.99
CA ARG E 17 24.51 1.94 23.78
C ARG E 17 25.24 1.62 22.49
N LEU E 18 25.42 0.34 22.19
CA LEU E 18 26.03 -0.04 20.91
C LEU E 18 25.21 0.48 19.75
N LYS E 19 23.89 0.25 19.77
CA LYS E 19 23.09 0.68 18.63
C LYS E 19 23.13 2.20 18.49
N SER E 20 23.10 2.91 19.62
CA SER E 20 23.24 4.36 19.61
C SER E 20 24.56 4.77 18.97
N ASP E 21 25.66 4.16 19.41
CA ASP E 21 26.97 4.52 18.92
C ASP E 21 27.14 4.22 17.43
N LEU E 22 26.53 3.14 16.96
CA LEU E 22 26.66 2.75 15.56
C LEU E 22 25.75 3.58 14.67
N PHE E 23 24.52 3.80 15.10
CA PHE E 23 23.55 4.44 14.22
C PHE E 23 23.48 5.94 14.45
N TYR E 29 25.67 5.26 6.42
CA TYR E 29 26.60 4.84 5.38
C TYR E 29 26.07 5.30 4.01
N PRO E 30 26.91 5.93 3.18
CA PRO E 30 26.43 6.49 1.91
C PRO E 30 26.39 5.49 0.75
N GLY E 31 26.76 4.23 0.97
CA GLY E 31 26.79 3.26 -0.09
C GLY E 31 28.18 3.14 -0.67
N PRO E 32 28.40 2.13 -1.50
CA PRO E 32 29.73 1.91 -2.09
C PRO E 32 30.02 2.80 -3.28
N THR E 33 31.32 2.91 -3.59
CA THR E 33 31.81 3.68 -4.71
C THR E 33 32.98 2.94 -5.35
N LYS E 34 33.39 3.37 -6.55
CA LYS E 34 34.55 2.78 -7.22
C LYS E 34 35.75 2.71 -6.28
N ASP E 35 35.90 3.72 -5.40
CA ASP E 35 37.03 3.76 -4.46
C ASP E 35 36.75 3.10 -3.12
N ASP E 36 35.50 2.70 -2.85
CA ASP E 36 35.14 1.98 -1.62
C ASP E 36 34.14 0.89 -1.99
N PRO E 37 34.57 -0.10 -2.76
CA PRO E 37 33.63 -1.09 -3.29
C PRO E 37 33.22 -2.12 -2.24
N LEU E 38 32.13 -2.80 -2.55
CA LEU E 38 31.52 -3.71 -1.61
C LEU E 38 31.28 -5.04 -2.30
N THR E 39 31.60 -6.13 -1.63
CA THR E 39 31.21 -7.46 -2.06
C THR E 39 29.89 -7.83 -1.40
N VAL E 40 28.93 -8.27 -2.21
CA VAL E 40 27.65 -8.76 -1.74
C VAL E 40 27.55 -10.20 -2.20
N THR E 41 27.39 -11.12 -1.27
CA THR E 41 27.21 -12.53 -1.57
C THR E 41 25.72 -12.89 -1.52
N LEU E 42 25.26 -13.57 -2.56
CA LEU E 42 23.86 -13.95 -2.71
C LEU E 42 23.73 -15.47 -2.71
N GLY E 43 22.60 -15.94 -2.22
CA GLY E 43 22.28 -17.34 -2.30
C GLY E 43 20.79 -17.52 -2.22
N PHE E 44 20.23 -18.44 -2.97
CA PHE E 44 18.79 -18.64 -3.00
C PHE E 44 18.41 -19.99 -2.42
N THR E 45 17.30 -19.99 -1.67
CA THR E 45 16.59 -21.19 -1.21
C THR E 45 15.20 -21.12 -1.82
N LEU E 46 14.91 -22.05 -2.72
CA LEU E 46 13.65 -22.09 -3.45
C LEU E 46 12.64 -22.90 -2.63
N GLN E 47 11.54 -22.26 -2.25
CA GLN E 47 10.56 -22.92 -1.40
C GLN E 47 9.36 -23.45 -2.18
N ASP E 48 8.90 -22.75 -3.23
CA ASP E 48 7.71 -23.18 -3.94
C ASP E 48 7.63 -22.50 -5.29
N ILE E 49 7.24 -23.27 -6.30
CA ILE E 49 6.68 -22.74 -7.54
C ILE E 49 5.17 -22.80 -7.36
N VAL E 50 4.57 -21.62 -7.18
CA VAL E 50 3.15 -21.58 -6.79
C VAL E 50 2.26 -21.77 -8.00
N LYS E 51 2.58 -21.11 -9.10
CA LYS E 51 1.66 -20.93 -10.20
C LYS E 51 2.44 -20.73 -11.51
N ALA E 52 1.93 -21.32 -12.58
CA ALA E 52 2.45 -21.11 -13.93
C ALA E 52 1.28 -20.69 -14.80
N ASP E 53 1.39 -19.54 -15.41
CA ASP E 53 0.29 -18.97 -16.14
C ASP E 53 0.70 -18.96 -17.62
N SER E 54 0.20 -19.93 -18.40
CA SER E 54 0.52 -20.03 -19.82
C SER E 54 -0.27 -19.06 -20.69
N SER E 55 -1.21 -18.29 -20.10
CA SER E 55 -1.90 -17.26 -20.84
C SER E 55 -1.09 -15.98 -20.93
N THR E 56 -0.17 -15.74 -19.98
CA THR E 56 0.65 -14.54 -19.97
C THR E 56 2.14 -14.82 -19.94
N ASN E 57 2.54 -16.09 -19.83
CA ASN E 57 3.93 -16.50 -19.65
C ASN E 57 4.59 -15.80 -18.45
N GLU E 58 3.95 -16.00 -17.30
CA GLU E 58 4.41 -15.55 -15.99
C GLU E 58 4.40 -16.73 -15.04
N VAL E 59 5.48 -16.92 -14.30
CA VAL E 59 5.55 -17.94 -13.26
C VAL E 59 5.81 -17.26 -11.92
N ASP E 60 5.21 -17.82 -10.85
CA ASP E 60 5.28 -17.27 -9.49
C ASP E 60 6.09 -18.21 -8.59
N LEU E 61 7.14 -17.65 -7.98
CA LEU E 61 8.06 -18.34 -7.08
C LEU E 61 8.02 -17.74 -5.69
N VAL E 62 8.18 -18.60 -4.69
CA VAL E 62 8.50 -18.21 -3.32
C VAL E 62 9.90 -18.72 -3.01
N TYR E 63 10.79 -17.84 -2.54
CA TYR E 63 12.17 -18.18 -2.23
C TYR E 63 12.65 -17.28 -1.10
N TRP E 64 13.74 -17.71 -0.45
CA TRP E 64 14.47 -16.88 0.49
C TRP E 64 15.76 -16.44 -0.18
N GLU E 65 16.03 -15.16 -0.14
CA GLU E 65 17.20 -14.60 -0.82
C GLU E 65 18.21 -14.18 0.26
N GLN E 66 19.26 -14.97 0.44
CA GLN E 66 20.27 -14.68 1.44
C GLN E 66 21.25 -13.65 0.90
N GLN E 67 21.40 -12.53 1.61
CA GLN E 67 22.31 -11.46 1.21
C GLN E 67 23.31 -11.27 2.33
N ARG E 68 24.59 -11.14 2.00
CA ARG E 68 25.51 -10.75 3.07
C ARG E 68 26.65 -9.91 2.56
N TRP E 69 27.03 -8.96 3.39
CA TRP E 69 28.07 -8.00 3.08
C TRP E 69 28.71 -7.58 4.41
N LYS E 70 29.73 -6.74 4.32
CA LYS E 70 30.49 -6.34 5.50
C LYS E 70 30.86 -4.87 5.39
N LEU E 71 30.68 -4.14 6.50
CA LEU E 71 31.00 -2.71 6.55
C LEU E 71 31.92 -2.42 7.74
N ASN E 72 33.01 -1.70 7.47
CA ASN E 72 33.90 -1.28 8.56
C ASN E 72 33.15 -0.41 9.57
N SER E 73 32.20 0.40 9.10
CA SER E 73 31.41 1.28 9.95
C SER E 73 30.45 0.54 10.90
N LEU E 74 30.33 -0.77 10.76
CA LEU E 74 29.45 -1.56 11.62
C LEU E 74 30.22 -2.43 12.60
N MET E 75 31.55 -2.32 12.61
CA MET E 75 32.38 -3.14 13.47
C MET E 75 32.36 -2.60 14.89
N TRP E 76 32.63 -3.50 15.85
CA TRP E 76 32.84 -3.03 17.21
C TRP E 76 33.65 -4.06 17.97
N ASP E 77 34.24 -3.59 19.07
CA ASP E 77 34.96 -4.47 19.98
C ASP E 77 33.97 -5.00 21.01
N PRO E 78 33.70 -6.30 21.06
CA PRO E 78 32.74 -6.82 22.04
C PRO E 78 33.10 -6.50 23.47
N ASN E 79 34.40 -6.42 23.79
CA ASN E 79 34.80 -6.11 25.17
C ASN E 79 34.39 -4.71 25.58
N GLU E 80 34.14 -3.80 24.65
CA GLU E 80 33.61 -2.49 24.99
C GLU E 80 32.10 -2.47 25.19
N TYR E 81 31.41 -3.57 24.89
CA TYR E 81 29.95 -3.60 24.94
C TYR E 81 29.47 -4.93 25.54
N GLY E 82 30.04 -5.29 26.69
CA GLY E 82 29.53 -6.42 27.44
C GLY E 82 29.60 -7.74 26.70
N ASN E 83 30.58 -7.90 25.81
CA ASN E 83 30.76 -9.12 25.02
C ASN E 83 29.61 -9.41 24.06
N ILE E 84 28.81 -8.39 23.72
CA ILE E 84 27.86 -8.54 22.61
C ILE E 84 28.66 -8.77 21.33
N THR E 85 28.36 -9.89 20.66
CA THR E 85 29.01 -10.26 19.41
C THR E 85 28.13 -10.07 18.17
N ASP E 86 26.81 -9.97 18.36
CA ASP E 86 25.90 -9.73 17.24
C ASP E 86 24.59 -9.18 17.79
N PHE E 87 23.79 -8.60 16.90
CA PHE E 87 22.48 -8.12 17.32
C PHE E 87 21.57 -8.08 16.10
N ARG E 88 20.27 -8.07 16.37
CA ARG E 88 19.26 -7.94 15.32
C ARG E 88 18.74 -6.53 15.25
N THR E 89 18.51 -6.05 14.02
CA THR E 89 17.95 -4.74 13.90
C THR E 89 17.11 -4.66 12.63
N SER E 90 16.14 -3.75 12.65
CA SER E 90 15.34 -3.47 11.47
C SER E 90 16.25 -3.14 10.29
N ALA E 91 15.95 -3.74 9.14
CA ALA E 91 16.69 -3.42 7.92
C ALA E 91 16.60 -1.94 7.54
N ALA E 92 15.59 -1.23 8.05
CA ALA E 92 15.48 0.21 7.87
C ALA E 92 16.61 0.97 8.54
N ASP E 93 17.22 0.40 9.58
CA ASP E 93 18.26 1.08 10.34
C ASP E 93 19.60 1.10 9.63
N ILE E 94 19.77 0.31 8.57
CA ILE E 94 21.07 0.13 7.96
C ILE E 94 20.93 0.29 6.45
N TRP E 95 22.06 0.50 5.81
CA TRP E 95 22.12 0.44 4.36
C TRP E 95 21.89 -1.01 3.92
N THR E 96 21.15 -1.19 2.84
CA THR E 96 20.97 -2.50 2.22
C THR E 96 21.15 -2.40 0.71
N PRO E 97 21.71 -3.44 0.07
CA PRO E 97 21.93 -3.39 -1.38
C PRO E 97 20.63 -3.48 -2.17
N ASP E 98 20.64 -2.86 -3.34
CA ASP E 98 19.46 -2.75 -4.18
C ASP E 98 19.34 -3.92 -5.15
N ILE E 99 19.39 -5.12 -4.59
CA ILE E 99 19.29 -6.35 -5.38
C ILE E 99 17.88 -6.47 -5.92
N THR E 100 17.78 -6.63 -7.23
CA THR E 100 16.53 -6.52 -7.99
C THR E 100 16.41 -7.73 -8.90
N ALA E 101 15.17 -8.27 -9.03
CA ALA E 101 14.89 -9.25 -10.08
C ALA E 101 14.75 -8.52 -11.41
N TYR E 102 15.60 -8.85 -12.39
CA TYR E 102 15.65 -8.09 -13.63
C TYR E 102 14.45 -8.36 -14.53
N SER E 103 13.71 -9.46 -14.33
CA SER E 103 12.61 -9.78 -15.23
C SER E 103 11.32 -10.08 -14.45
N SER E 104 11.10 -9.36 -13.36
CA SER E 104 9.81 -9.39 -12.69
C SER E 104 8.73 -8.77 -13.58
N THR E 105 7.49 -9.21 -13.38
CA THR E 105 6.32 -8.63 -14.03
C THR E 105 5.36 -7.96 -13.08
N ARG E 106 5.58 -8.08 -11.79
CA ARG E 106 4.86 -7.39 -10.74
C ARG E 106 5.87 -7.03 -9.66
N PRO E 107 5.61 -5.98 -8.87
CA PRO E 107 6.50 -5.70 -7.75
C PRO E 107 6.64 -6.90 -6.84
N VAL E 108 7.87 -7.15 -6.39
CA VAL E 108 8.13 -8.33 -5.56
C VAL E 108 7.47 -8.12 -4.21
N GLN E 109 6.90 -9.17 -3.68
CA GLN E 109 6.18 -9.11 -2.42
C GLN E 109 7.02 -9.74 -1.33
N VAL E 110 7.24 -9.02 -0.23
CA VAL E 110 8.07 -9.47 0.86
C VAL E 110 7.17 -10.21 1.84
N LEU E 111 7.60 -11.40 2.22
CA LEU E 111 6.80 -12.30 3.04
C LEU E 111 7.26 -12.37 4.50
N SER E 112 8.43 -11.85 4.81
CA SER E 112 9.04 -11.98 6.12
C SER E 112 9.33 -10.61 6.71
N PRO E 113 9.51 -10.54 8.03
CA PRO E 113 9.98 -9.32 8.68
C PRO E 113 11.29 -8.84 8.10
N GLN E 114 11.41 -7.53 7.90
CA GLN E 114 12.63 -6.95 7.33
C GLN E 114 13.60 -6.59 8.46
N ILE E 115 14.34 -7.60 8.88
CA ILE E 115 15.25 -7.57 10.02
C ILE E 115 16.55 -8.23 9.61
N ALA E 116 17.66 -7.61 9.99
CA ALA E 116 18.98 -8.08 9.64
C ALA E 116 19.74 -8.45 10.92
N VAL E 117 20.75 -9.29 10.75
CA VAL E 117 21.68 -9.68 11.84
C VAL E 117 23.02 -9.02 11.57
N VAL E 118 23.52 -8.25 12.54
CA VAL E 118 24.80 -7.53 12.43
C VAL E 118 25.79 -8.15 13.39
N THR E 119 26.98 -8.50 12.90
CA THR E 119 28.00 -9.15 13.73
C THR E 119 29.21 -8.22 13.92
N HIS E 120 29.94 -8.43 15.02
CA HIS E 120 30.94 -7.45 15.46
C HIS E 120 32.05 -7.24 14.43
N ASP E 121 32.29 -8.20 13.54
CA ASP E 121 33.21 -7.94 12.42
C ASP E 121 32.62 -7.04 11.36
N GLY E 122 31.42 -6.49 11.56
CA GLY E 122 30.82 -5.62 10.57
C GLY E 122 30.02 -6.34 9.50
N SER E 123 29.93 -7.66 9.54
CA SER E 123 29.18 -8.40 8.54
C SER E 123 27.68 -8.35 8.86
N VAL E 124 26.89 -8.32 7.79
CA VAL E 124 25.44 -8.23 7.89
C VAL E 124 24.86 -9.43 7.16
N MET E 125 23.84 -10.02 7.74
CA MET E 125 23.10 -11.13 7.12
C MET E 125 21.64 -10.75 7.06
N PHE E 126 21.07 -10.71 5.85
CA PHE E 126 19.69 -10.28 5.62
C PHE E 126 19.07 -11.28 4.66
N ILE E 127 17.97 -11.90 5.08
CA ILE E 127 17.41 -13.03 4.32
C ILE E 127 15.91 -12.81 4.16
N PRO E 128 15.49 -11.99 3.22
CA PRO E 128 14.05 -11.80 3.02
C PRO E 128 13.44 -12.95 2.22
N ALA E 129 12.27 -13.38 2.66
CA ALA E 129 11.43 -14.29 1.90
C ALA E 129 10.53 -13.47 0.98
N GLN E 130 10.41 -13.90 -0.29
CA GLN E 130 9.78 -13.09 -1.34
C GLN E 130 8.88 -13.95 -2.22
N ARG E 131 7.82 -13.35 -2.74
CA ARG E 131 7.02 -13.95 -3.79
C ARG E 131 7.20 -13.09 -5.04
N LEU E 132 7.64 -13.71 -6.12
CA LEU E 132 8.03 -13.06 -7.37
C LEU E 132 7.25 -13.64 -8.55
N SER E 133 6.60 -12.77 -9.34
CA SER E 133 6.09 -13.12 -10.66
C SER E 133 7.13 -12.66 -11.69
N PHE E 134 7.55 -13.56 -12.58
CA PHE E 134 8.62 -13.25 -13.51
C PHE E 134 8.32 -13.89 -14.87
N MET E 135 9.01 -13.37 -15.87
CA MET E 135 8.78 -13.77 -17.26
C MET E 135 9.27 -15.19 -17.47
N CYS E 136 8.37 -16.06 -17.87
CA CYS E 136 8.68 -17.47 -18.01
C CYS E 136 7.60 -18.16 -18.82
N ASP E 137 8.01 -18.80 -19.90
CA ASP E 137 7.12 -19.60 -20.72
C ASP E 137 7.10 -21.00 -20.14
N PRO E 138 5.98 -21.49 -19.63
CA PRO E 138 5.95 -22.84 -19.03
C PRO E 138 5.66 -23.95 -20.02
N THR E 139 5.73 -23.70 -21.33
CA THR E 139 5.51 -24.76 -22.29
C THR E 139 6.41 -25.94 -21.98
N GLY E 140 5.82 -27.13 -21.96
CA GLY E 140 6.55 -28.34 -21.63
C GLY E 140 6.46 -28.74 -20.17
N VAL E 141 5.80 -27.95 -19.32
CA VAL E 141 5.71 -28.27 -17.90
C VAL E 141 4.93 -29.56 -17.72
N ASP E 142 4.01 -29.84 -18.63
CA ASP E 142 3.20 -31.06 -18.63
C ASP E 142 3.87 -32.22 -19.38
N SER E 143 5.19 -32.32 -19.36
CA SER E 143 5.90 -33.41 -20.01
C SER E 143 7.02 -33.88 -19.09
N GLU E 144 7.72 -34.93 -19.52
CA GLU E 144 8.77 -35.50 -18.67
C GLU E 144 10.00 -34.62 -18.66
N GLU E 145 10.23 -33.87 -19.75
CA GLU E 145 11.37 -32.97 -19.82
C GLU E 145 11.15 -31.71 -18.98
N GLY E 146 9.93 -31.22 -18.89
CA GLY E 146 9.63 -30.05 -18.10
C GLY E 146 9.78 -28.77 -18.88
N ALA E 147 9.63 -27.65 -18.17
CA ALA E 147 9.92 -26.34 -18.70
C ALA E 147 11.20 -25.83 -18.05
N THR E 148 11.84 -24.85 -18.69
CA THR E 148 13.05 -24.24 -18.17
C THR E 148 12.96 -22.73 -18.25
N CYS E 149 13.23 -22.06 -17.14
CA CYS E 149 13.18 -20.61 -17.10
C CYS E 149 14.33 -20.09 -16.27
N ALA E 150 14.64 -18.81 -16.49
CA ALA E 150 15.72 -18.15 -15.80
C ALA E 150 15.26 -16.80 -15.29
N VAL E 151 15.83 -16.36 -14.17
CA VAL E 151 15.66 -14.96 -13.80
C VAL E 151 16.94 -14.46 -13.16
N LYS E 152 17.39 -13.28 -13.62
CA LYS E 152 18.58 -12.63 -13.15
C LYS E 152 18.26 -11.72 -11.97
N PHE E 153 19.17 -11.74 -11.02
CA PHE E 153 19.19 -10.85 -9.87
C PHE E 153 20.51 -10.09 -9.88
N GLY E 154 20.45 -8.80 -9.60
CA GLY E 154 21.63 -7.99 -9.40
C GLY E 154 21.25 -6.61 -8.93
N SER E 155 22.26 -5.83 -8.61
CA SER E 155 22.04 -4.44 -8.28
C SER E 155 21.39 -3.75 -9.48
N TRP E 156 20.43 -2.85 -9.21
CA TRP E 156 19.86 -2.09 -10.31
C TRP E 156 20.77 -0.96 -10.76
N VAL E 157 21.50 -0.34 -9.83
CA VAL E 157 22.17 0.93 -10.10
C VAL E 157 23.67 0.90 -9.86
N TYR E 158 24.22 -0.14 -9.23
CA TYR E 158 25.65 -0.21 -8.94
C TYR E 158 26.32 -1.17 -9.92
N SER E 159 27.37 -0.69 -10.59
CA SER E 159 28.10 -1.52 -11.54
C SER E 159 29.05 -2.44 -10.78
N GLY E 160 29.73 -3.32 -11.52
CA GLY E 160 30.71 -4.21 -10.93
C GLY E 160 31.84 -3.52 -10.21
N PHE E 161 32.07 -2.24 -10.51
CA PHE E 161 33.12 -1.48 -9.83
C PHE E 161 32.71 -1.03 -8.44
N GLU E 162 31.42 -1.04 -8.13
CA GLU E 162 30.91 -0.62 -6.83
C GLU E 162 30.45 -1.79 -5.97
N ILE E 163 29.70 -2.69 -6.57
CA ILE E 163 29.25 -3.90 -5.91
C ILE E 163 29.72 -5.08 -6.72
N ASP E 164 30.56 -5.89 -6.11
CA ASP E 164 30.98 -7.18 -6.63
C ASP E 164 30.04 -8.24 -6.08
N LEU E 165 29.41 -8.99 -6.97
CA LEU E 165 28.33 -9.90 -6.61
C LEU E 165 28.86 -11.33 -6.66
N LYS E 166 28.88 -12.00 -5.51
CA LYS E 166 29.43 -13.33 -5.41
C LYS E 166 28.36 -14.33 -4.95
N THR E 167 28.66 -15.61 -5.12
CA THR E 167 27.89 -16.68 -4.51
C THR E 167 28.84 -17.57 -3.70
N ASP E 168 28.23 -18.37 -2.83
CA ASP E 168 28.91 -19.44 -2.12
C ASP E 168 28.86 -20.78 -2.83
N THR E 169 27.94 -20.95 -3.78
CA THR E 169 27.75 -22.22 -4.43
C THR E 169 26.98 -21.94 -5.70
N ASP E 170 27.16 -22.83 -6.69
CA ASP E 170 26.39 -22.79 -7.92
C ASP E 170 25.02 -23.44 -7.77
N GLN E 171 24.73 -24.05 -6.62
CA GLN E 171 23.53 -24.84 -6.43
C GLN E 171 22.51 -24.08 -5.59
N VAL E 172 21.29 -23.95 -6.12
CA VAL E 172 20.17 -23.44 -5.34
C VAL E 172 19.82 -24.45 -4.26
N ASP E 173 19.57 -23.97 -3.04
CA ASP E 173 19.16 -24.85 -1.96
C ASP E 173 17.70 -25.29 -2.14
N LEU E 174 17.50 -26.59 -2.36
CA LEU E 174 16.17 -27.18 -2.48
C LEU E 174 15.74 -27.95 -1.25
N SER E 175 16.48 -27.87 -0.16
CA SER E 175 16.19 -28.72 0.98
C SER E 175 14.94 -28.28 1.73
N SER E 176 14.35 -27.13 1.39
CA SER E 176 13.10 -26.66 1.97
C SER E 176 12.00 -26.52 0.91
N TYR E 177 12.20 -27.10 -0.26
CA TYR E 177 11.20 -27.00 -1.32
C TYR E 177 9.94 -27.76 -0.88
N TYR E 178 8.78 -27.13 -1.08
CA TYR E 178 7.52 -27.70 -0.60
C TYR E 178 7.21 -29.01 -1.31
N ALA E 179 7.09 -30.09 -0.52
CA ALA E 179 7.01 -31.45 -1.06
C ALA E 179 5.72 -31.74 -1.79
N SER E 180 4.66 -30.95 -1.57
CA SER E 180 3.37 -31.12 -2.22
C SER E 180 3.03 -29.96 -3.13
N SER E 181 4.05 -29.25 -3.61
CA SER E 181 3.86 -28.28 -4.67
C SER E 181 3.20 -28.92 -5.89
N LYS E 182 2.45 -28.09 -6.63
CA LYS E 182 1.99 -28.50 -7.96
C LYS E 182 3.14 -28.80 -8.89
N TYR E 183 4.33 -28.24 -8.65
CA TYR E 183 5.45 -28.38 -9.56
C TYR E 183 6.62 -28.99 -8.82
N GLU E 184 7.27 -29.97 -9.44
CA GLU E 184 8.49 -30.53 -8.90
C GLU E 184 9.68 -29.92 -9.61
N ILE E 185 10.77 -29.77 -8.86
CA ILE E 185 11.98 -29.14 -9.36
C ILE E 185 12.90 -30.24 -9.88
N LEU E 186 13.28 -30.14 -11.15
CA LEU E 186 14.25 -31.06 -11.75
C LEU E 186 15.69 -30.61 -11.54
N SER E 187 15.95 -29.31 -11.61
CA SER E 187 17.24 -28.78 -11.20
C SER E 187 17.10 -27.28 -11.02
N ALA E 188 17.99 -26.72 -10.20
CA ALA E 188 17.99 -25.28 -9.94
C ALA E 188 19.42 -24.82 -9.65
N THR E 189 19.95 -23.92 -10.48
CA THR E 189 21.30 -23.40 -10.34
C THR E 189 21.29 -21.87 -10.22
N GLN E 190 22.42 -21.33 -9.70
CA GLN E 190 22.59 -19.88 -9.51
C GLN E 190 23.98 -19.40 -9.96
N TYR E 191 24.24 -19.44 -11.26
CA TYR E 191 25.54 -19.02 -11.77
C TYR E 191 25.64 -17.50 -11.98
N LYS E 192 26.87 -17.00 -11.90
CA LYS E 192 27.17 -15.57 -12.07
C LYS E 192 27.45 -15.20 -13.52
N HIS E 193 27.03 -14.00 -13.91
CA HIS E 193 27.31 -13.48 -15.25
C HIS E 193 27.66 -12.00 -15.14
N ASP E 194 28.35 -11.50 -16.17
CA ASP E 194 28.73 -10.09 -16.28
C ASP E 194 28.20 -9.58 -17.62
N ILE E 195 27.39 -8.51 -17.58
CA ILE E 195 26.59 -8.08 -18.72
C ILE E 195 26.79 -6.58 -18.96
N LYS E 196 26.91 -6.20 -20.24
CA LYS E 196 26.93 -4.81 -20.67
C LYS E 196 25.54 -4.40 -21.14
N TYR E 197 24.98 -3.36 -20.51
CA TYR E 197 23.66 -2.84 -20.86
C TYR E 197 23.85 -1.57 -21.69
N ASN E 198 22.87 -1.29 -22.57
CA ASN E 198 23.01 -0.16 -23.50
C ASN E 198 23.00 1.20 -22.81
N CYS E 199 22.52 1.29 -21.56
CA CYS E 199 22.45 2.58 -20.88
C CYS E 199 23.82 3.08 -20.45
N CYS E 200 24.77 2.18 -20.27
CA CYS E 200 25.86 2.43 -19.33
C CYS E 200 27.17 1.81 -19.83
N GLU E 201 28.28 2.52 -19.60
CA GLU E 201 29.58 2.04 -20.05
C GLU E 201 30.09 0.86 -19.21
N GLU E 202 29.68 0.77 -17.94
CA GLU E 202 30.23 -0.19 -17.00
C GLU E 202 29.45 -1.51 -16.98
N ILE E 203 30.17 -2.60 -16.70
CA ILE E 203 29.61 -3.95 -16.69
C ILE E 203 28.90 -4.18 -15.36
N TYR E 204 27.72 -4.84 -15.41
CA TYR E 204 26.93 -5.17 -14.20
C TYR E 204 26.89 -6.67 -13.98
N PRO E 205 27.30 -7.18 -12.83
CA PRO E 205 27.22 -8.62 -12.58
C PRO E 205 25.81 -8.97 -12.10
N ASP E 206 25.45 -10.23 -12.35
CA ASP E 206 24.18 -10.77 -11.86
C ASP E 206 24.41 -12.18 -11.35
N VAL E 207 23.43 -12.67 -10.60
CA VAL E 207 23.26 -14.08 -10.33
C VAL E 207 21.96 -14.50 -11.00
N VAL E 208 22.05 -15.53 -11.83
CA VAL E 208 20.93 -15.99 -12.64
C VAL E 208 20.47 -17.30 -12.07
N LEU E 209 19.23 -17.31 -11.60
CA LEU E 209 18.53 -18.51 -11.20
C LEU E 209 18.04 -19.20 -12.47
N VAL E 210 18.46 -20.43 -12.71
CA VAL E 210 17.91 -21.24 -13.81
C VAL E 210 17.18 -22.42 -13.19
N VAL E 211 15.89 -22.56 -13.51
CA VAL E 211 15.05 -23.56 -12.88
C VAL E 211 14.39 -24.42 -13.94
N LYS E 212 14.54 -25.74 -13.82
CA LYS E 212 13.86 -26.73 -14.64
C LYS E 212 12.81 -27.41 -13.77
N PHE E 213 11.55 -27.41 -14.21
CA PHE E 213 10.46 -27.87 -13.36
C PHE E 213 9.37 -28.53 -14.22
N ARG E 214 8.52 -29.33 -13.57
CA ARG E 214 7.39 -29.93 -14.29
C ARG E 214 6.26 -30.22 -13.32
N GLU E 215 5.03 -30.36 -13.87
CA GLU E 215 3.89 -30.72 -13.05
C GLU E 215 4.16 -32.05 -12.36
N ARG E 216 3.83 -32.14 -11.08
CA ARG E 216 4.18 -33.29 -10.25
C ARG E 216 3.50 -34.57 -10.75
#